data_1IIC
#
_entry.id   1IIC
#
_cell.length_a   75.129
_cell.length_b   97.060
_cell.length_c   141.809
_cell.angle_alpha   90.00
_cell.angle_beta   90.00
_cell.angle_gamma   90.00
#
_symmetry.space_group_name_H-M   'P 2 2 21'
#
loop_
_entity.id
_entity.type
_entity.pdbx_description
1 polymer 'PEPTIDE N-myristoyltransferase'
2 non-polymer TETRADECANOYL-COA
3 water water
#
_entity_poly.entity_id   1
_entity_poly.type   'polypeptide(L)'
_entity_poly.pdbx_seq_one_letter_code
;AMKDHKFWRTQPVKDFDEKVVEEGPIDKPKTPEDISDKPLPLLSSFEWCSIDVDNKKQLEDVFVLLNENYVEDRDAGFRF
NYTKEFFNWALKSPGWKKDWHIGVRVKETQKLVAFISAIPVTLGVRGKQVPSVEINFLCVHKQLRSKRLTPVLIKEITRR
VNKCDIWHALYTAGIVLPAPVSTCRYTHRPLNWKKLYEVDFTGLPDGHTEEDMIAENALPAKTKTAGLRKLKKEDIDQVF
ELFKRYQSRFELIQIFTKEEFEHNFIGEESLPLDKQVIFSYVVEQPDGKITDFFSFYSLPFTILNNTKYKDLGIGYLYYY
ATDADFQFKDRFDPKATKALKTRLCELIYDACILAKNANMDVFNALTSQDNTLFLDDLKFGPGDGFLNFYLFNYRAKPIT
GGLNPDNSNDIKRRSNVGVVML
;
_entity_poly.pdbx_strand_id   A,B
#
loop_
_chem_comp.id
_chem_comp.type
_chem_comp.name
_chem_comp.formula
MYA non-polymer TETRADECANOYL-COA 'C35 H62 N7 O17 P3 S'
#
# COMPACT_ATOMS: atom_id res chain seq x y z
N ALA A 1 33.58 -4.12 -2.61
CA ALA A 1 33.91 -5.01 -3.77
C ALA A 1 32.63 -5.36 -4.55
N MET A 2 32.54 -4.89 -5.79
CA MET A 2 31.37 -5.15 -6.61
C MET A 2 31.66 -5.79 -7.97
N LYS A 3 32.77 -5.41 -8.59
CA LYS A 3 33.14 -5.95 -9.89
C LYS A 3 34.16 -7.08 -9.79
N ASP A 4 34.81 -7.19 -8.64
CA ASP A 4 35.81 -8.22 -8.43
C ASP A 4 35.23 -9.58 -8.05
N HIS A 5 34.08 -9.92 -8.62
CA HIS A 5 33.47 -11.21 -8.33
C HIS A 5 33.41 -12.05 -9.61
N LYS A 6 34.59 -12.50 -10.01
CA LYS A 6 34.80 -13.31 -11.22
C LYS A 6 33.72 -14.36 -11.47
N PHE A 7 33.14 -14.92 -10.42
CA PHE A 7 32.11 -15.95 -10.58
C PHE A 7 30.68 -15.43 -10.42
N TRP A 8 30.44 -14.69 -9.35
CA TRP A 8 29.10 -14.19 -9.10
C TRP A 8 28.61 -13.18 -10.10
N ARG A 9 29.54 -12.55 -10.82
CA ARG A 9 29.16 -11.56 -11.83
C ARG A 9 28.52 -12.29 -13.00
N THR A 10 28.68 -13.60 -13.03
CA THR A 10 28.14 -14.42 -14.10
C THR A 10 26.80 -15.07 -13.73
N GLN A 11 26.39 -14.90 -12.48
CA GLN A 11 25.17 -15.53 -11.99
C GLN A 11 23.94 -14.63 -11.93
N PRO A 12 22.74 -15.23 -11.94
CA PRO A 12 21.48 -14.48 -11.88
C PRO A 12 21.19 -14.07 -10.45
N VAL A 13 21.86 -13.03 -9.99
CA VAL A 13 21.67 -12.54 -8.64
C VAL A 13 21.47 -11.04 -8.68
N LYS A 14 20.91 -10.51 -7.60
CA LYS A 14 20.66 -9.08 -7.47
C LYS A 14 22.02 -8.39 -7.38
N ASP A 15 22.07 -7.14 -7.82
CA ASP A 15 23.32 -6.38 -7.77
C ASP A 15 23.28 -5.47 -6.55
N PHE A 16 24.45 -5.13 -6.02
CA PHE A 16 24.53 -4.24 -4.87
C PHE A 16 23.82 -2.93 -5.16
N ASP A 17 23.16 -2.39 -4.14
CA ASP A 17 22.44 -1.13 -4.25
C ASP A 17 21.39 -1.10 -5.34
N GLU A 18 21.06 -2.26 -5.89
CA GLU A 18 20.07 -2.35 -6.95
C GLU A 18 18.69 -1.94 -6.43
N LYS A 19 18.02 -1.04 -7.14
CA LYS A 19 16.70 -0.62 -6.74
C LYS A 19 15.70 -1.55 -7.40
N VAL A 20 15.22 -2.53 -6.65
CA VAL A 20 14.25 -3.48 -7.18
C VAL A 20 12.88 -2.79 -7.24
N VAL A 21 12.15 -3.02 -8.33
CA VAL A 21 10.83 -2.44 -8.51
C VAL A 21 9.85 -3.56 -8.82
N GLU A 22 10.36 -4.60 -9.46
CA GLU A 22 9.54 -5.75 -9.80
C GLU A 22 10.25 -6.97 -9.25
N GLU A 23 9.74 -7.53 -8.15
CA GLU A 23 10.36 -8.71 -7.56
C GLU A 23 10.07 -9.92 -8.46
N GLY A 24 10.95 -10.91 -8.44
CA GLY A 24 10.72 -12.10 -9.26
C GLY A 24 11.98 -12.71 -9.87
N PRO A 25 11.84 -13.81 -10.61
CA PRO A 25 12.96 -14.50 -11.25
C PRO A 25 13.82 -13.53 -12.04
N ILE A 26 15.10 -13.81 -12.12
CA ILE A 26 16.02 -12.95 -12.86
C ILE A 26 16.23 -13.47 -14.27
N ASP A 27 16.61 -14.74 -14.41
CA ASP A 27 16.81 -15.34 -15.72
C ASP A 27 15.48 -15.52 -16.42
N LYS A 28 15.52 -15.61 -17.74
CA LYS A 28 14.30 -15.83 -18.51
C LYS A 28 14.00 -17.30 -18.26
N PRO A 29 12.72 -17.68 -18.16
CA PRO A 29 12.34 -19.07 -17.91
C PRO A 29 13.01 -20.14 -18.77
N LYS A 30 13.20 -21.31 -18.17
CA LYS A 30 13.82 -22.45 -18.84
C LYS A 30 13.03 -23.72 -18.54
N THR A 31 13.37 -24.80 -19.24
CA THR A 31 12.73 -26.08 -19.04
C THR A 31 13.82 -27.08 -18.68
N PRO A 32 13.49 -28.10 -17.87
CA PRO A 32 14.51 -29.08 -17.51
C PRO A 32 15.12 -29.77 -18.74
N GLU A 33 14.53 -29.52 -19.91
CA GLU A 33 15.02 -30.10 -21.14
C GLU A 33 16.25 -29.34 -21.64
N ASP A 34 16.34 -28.07 -21.28
CA ASP A 34 17.47 -27.24 -21.68
C ASP A 34 18.59 -27.37 -20.67
N ILE A 35 18.52 -28.41 -19.86
CA ILE A 35 19.55 -28.63 -18.83
C ILE A 35 20.29 -29.94 -19.07
N SER A 36 21.60 -29.84 -19.22
CA SER A 36 22.44 -31.01 -19.45
C SER A 36 22.17 -32.07 -18.40
N ASP A 37 22.15 -33.33 -18.82
CA ASP A 37 21.93 -34.42 -17.90
C ASP A 37 23.29 -34.92 -17.41
N LYS A 38 24.35 -34.37 -18.00
CA LYS A 38 25.72 -34.75 -17.65
C LYS A 38 26.39 -33.85 -16.62
N PRO A 39 26.95 -34.44 -15.56
CA PRO A 39 27.62 -33.65 -14.52
C PRO A 39 28.78 -32.85 -15.10
N LEU A 40 28.83 -31.57 -14.74
CA LEU A 40 29.86 -30.67 -15.20
C LEU A 40 31.27 -31.25 -15.15
N PRO A 41 32.16 -30.76 -16.02
CA PRO A 41 33.54 -31.25 -16.04
C PRO A 41 34.27 -30.82 -14.77
N LEU A 42 35.05 -31.73 -14.21
CA LEU A 42 35.81 -31.47 -13.00
C LEU A 42 37.28 -31.79 -13.23
N LEU A 43 38.15 -31.13 -12.46
CA LEU A 43 39.58 -31.35 -12.54
C LEU A 43 39.87 -32.82 -12.80
N SER A 44 40.77 -33.09 -13.75
CA SER A 44 41.14 -34.46 -14.14
C SER A 44 41.31 -35.45 -12.99
N SER A 45 41.94 -35.02 -11.91
CA SER A 45 42.17 -35.90 -10.76
C SER A 45 40.97 -36.04 -9.82
N PHE A 46 39.92 -35.27 -10.07
CA PHE A 46 38.72 -35.30 -9.23
C PHE A 46 37.52 -35.95 -9.93
N GLU A 47 36.47 -36.19 -9.17
CA GLU A 47 35.25 -36.79 -9.70
C GLU A 47 34.09 -36.45 -8.78
N TRP A 48 32.88 -36.34 -9.34
CA TRP A 48 31.71 -36.05 -8.52
C TRP A 48 31.28 -37.33 -7.80
N CYS A 49 30.51 -37.16 -6.73
CA CYS A 49 30.00 -38.30 -5.98
C CYS A 49 28.70 -37.89 -5.29
N SER A 50 27.84 -38.86 -5.04
CA SER A 50 26.56 -38.61 -4.38
C SER A 50 26.54 -39.30 -3.03
N ILE A 51 26.64 -38.52 -1.97
CA ILE A 51 26.63 -39.05 -0.60
C ILE A 51 25.28 -39.62 -0.18
N ASP A 52 25.27 -40.89 0.19
CA ASP A 52 24.03 -41.50 0.66
C ASP A 52 24.02 -41.38 2.18
N VAL A 53 23.20 -40.46 2.68
CA VAL A 53 23.07 -40.22 4.11
C VAL A 53 22.77 -41.51 4.88
N ASP A 54 22.12 -42.44 4.19
CA ASP A 54 21.75 -43.72 4.77
C ASP A 54 22.94 -44.68 4.82
N ASN A 55 24.10 -44.21 4.37
CA ASN A 55 25.32 -45.02 4.38
C ASN A 55 26.26 -44.53 5.47
N LYS A 56 26.52 -45.40 6.45
CA LYS A 56 27.40 -45.08 7.58
C LYS A 56 28.74 -44.43 7.17
N LYS A 57 29.52 -45.15 6.37
CA LYS A 57 30.82 -44.67 5.91
C LYS A 57 30.74 -43.33 5.17
N GLN A 58 29.87 -43.26 4.16
CA GLN A 58 29.74 -42.04 3.37
C GLN A 58 29.33 -40.84 4.22
N LEU A 59 28.28 -40.98 5.01
CA LEU A 59 27.85 -39.87 5.85
C LEU A 59 29.02 -39.47 6.73
N GLU A 60 29.79 -40.46 7.17
CA GLU A 60 30.95 -40.22 8.01
C GLU A 60 32.00 -39.34 7.36
N ASP A 61 32.34 -39.60 6.10
CA ASP A 61 33.33 -38.78 5.41
C ASP A 61 32.84 -37.33 5.35
N VAL A 62 31.53 -37.15 5.29
CA VAL A 62 30.97 -35.80 5.23
C VAL A 62 31.25 -35.02 6.51
N PHE A 63 30.76 -35.50 7.65
CA PHE A 63 31.01 -34.74 8.87
C PHE A 63 32.48 -34.74 9.31
N VAL A 64 33.28 -35.67 8.81
CA VAL A 64 34.70 -35.66 9.17
C VAL A 64 35.31 -34.51 8.38
N LEU A 65 34.97 -34.44 7.10
CA LEU A 65 35.48 -33.37 6.26
C LEU A 65 35.08 -32.02 6.88
N LEU A 66 33.81 -31.88 7.22
CA LEU A 66 33.35 -30.61 7.79
C LEU A 66 33.97 -30.31 9.14
N ASN A 67 34.11 -31.32 9.99
CA ASN A 67 34.68 -31.08 11.31
C ASN A 67 36.13 -30.64 11.27
N GLU A 68 36.90 -31.25 10.40
CA GLU A 68 38.31 -30.91 10.27
C GLU A 68 38.52 -29.57 9.57
N ASN A 69 37.63 -29.23 8.64
CA ASN A 69 37.82 -28.00 7.86
C ASN A 69 36.86 -26.82 8.05
N TYR A 70 35.83 -26.95 8.87
CA TYR A 70 34.90 -25.82 8.99
C TYR A 70 35.43 -24.55 9.64
N VAL A 71 36.44 -24.66 10.49
CA VAL A 71 37.00 -23.48 11.15
C VAL A 71 38.28 -23.00 10.44
N GLU A 72 38.33 -21.70 10.17
CA GLU A 72 39.47 -21.11 9.48
C GLU A 72 40.64 -20.65 10.36
N ASP A 73 41.40 -21.62 10.86
CA ASP A 73 42.57 -21.37 11.73
C ASP A 73 42.85 -22.56 12.66
N ARG A 74 44.00 -23.22 12.47
CA ARG A 74 44.36 -24.37 13.30
C ARG A 74 44.61 -24.00 14.77
N ASP A 75 44.95 -22.73 15.02
CA ASP A 75 45.20 -22.26 16.37
C ASP A 75 43.92 -21.92 17.11
N ALA A 76 42.78 -22.06 16.44
CA ALA A 76 41.49 -21.76 17.06
C ALA A 76 41.31 -22.50 18.37
N GLY A 77 41.72 -23.76 18.42
CA GLY A 77 41.56 -24.53 19.64
C GLY A 77 40.17 -25.11 19.76
N PHE A 78 39.38 -25.01 18.70
CA PHE A 78 38.04 -25.57 18.70
C PHE A 78 37.67 -25.99 17.28
N ARG A 79 36.72 -26.93 17.18
CA ARG A 79 36.25 -27.39 15.89
C ARG A 79 34.76 -27.70 15.94
N PHE A 80 34.12 -27.71 14.78
CA PHE A 80 32.70 -28.04 14.75
C PHE A 80 32.64 -29.52 15.04
N ASN A 81 31.48 -29.98 15.51
CA ASN A 81 31.31 -31.39 15.81
C ASN A 81 29.97 -31.85 15.27
N TYR A 82 29.87 -31.96 13.94
CA TYR A 82 28.67 -32.44 13.30
C TYR A 82 28.62 -33.93 13.60
N THR A 83 27.41 -34.46 13.74
CA THR A 83 27.24 -35.86 14.08
C THR A 83 26.35 -36.55 13.07
N LYS A 84 26.27 -37.87 13.15
CA LYS A 84 25.41 -38.61 12.24
C LYS A 84 23.97 -38.22 12.55
N GLU A 85 23.68 -37.99 13.84
CA GLU A 85 22.33 -37.60 14.24
C GLU A 85 21.97 -36.23 13.65
N PHE A 86 22.90 -35.28 13.74
CA PHE A 86 22.64 -33.95 13.21
C PHE A 86 22.27 -33.99 11.73
N PHE A 87 23.07 -34.70 10.93
CA PHE A 87 22.81 -34.78 9.50
C PHE A 87 21.63 -35.66 9.12
N ASN A 88 21.29 -36.64 9.96
CA ASN A 88 20.13 -37.48 9.65
C ASN A 88 18.90 -36.58 9.70
N TRP A 89 18.92 -35.65 10.66
CA TRP A 89 17.84 -34.68 10.85
C TRP A 89 17.84 -33.66 9.70
N ALA A 90 18.94 -32.92 9.56
CA ALA A 90 19.05 -31.88 8.54
C ALA A 90 19.03 -32.32 7.08
N LEU A 91 19.51 -33.52 6.78
CA LEU A 91 19.56 -33.96 5.39
C LEU A 91 18.48 -34.90 4.92
N LYS A 92 17.66 -35.42 5.84
CA LYS A 92 16.61 -36.34 5.45
C LYS A 92 15.20 -35.81 5.61
N SER A 93 14.99 -34.54 5.31
CA SER A 93 13.66 -33.97 5.39
C SER A 93 12.96 -34.54 4.14
N PRO A 94 11.63 -34.69 4.18
CA PRO A 94 10.90 -35.23 3.03
C PRO A 94 11.22 -34.55 1.70
N GLY A 95 11.44 -35.37 0.68
CA GLY A 95 11.77 -34.85 -0.64
C GLY A 95 13.26 -34.85 -0.94
N TRP A 96 14.07 -35.23 0.05
CA TRP A 96 15.51 -35.24 -0.12
C TRP A 96 15.94 -36.29 -1.13
N LYS A 97 17.12 -36.09 -1.72
CA LYS A 97 17.66 -37.03 -2.69
C LYS A 97 19.18 -37.11 -2.55
N LYS A 98 19.71 -38.32 -2.59
CA LYS A 98 21.16 -38.50 -2.45
C LYS A 98 21.88 -37.71 -3.53
N ASP A 99 21.20 -37.51 -4.66
CA ASP A 99 21.77 -36.76 -5.77
C ASP A 99 22.00 -35.28 -5.50
N TRP A 100 21.45 -34.78 -4.41
CA TRP A 100 21.63 -33.38 -4.05
C TRP A 100 22.56 -33.17 -2.87
N HIS A 101 23.17 -34.27 -2.41
CA HIS A 101 24.14 -34.20 -1.34
C HIS A 101 25.41 -34.56 -2.11
N ILE A 102 26.01 -33.54 -2.70
CA ILE A 102 27.19 -33.70 -3.54
C ILE A 102 28.56 -33.50 -2.89
N GLY A 103 29.50 -34.32 -3.32
CA GLY A 103 30.86 -34.22 -2.83
C GLY A 103 31.85 -34.37 -3.97
N VAL A 104 33.12 -34.12 -3.68
CA VAL A 104 34.17 -34.27 -4.66
C VAL A 104 35.20 -35.15 -3.99
N ARG A 105 35.49 -36.29 -4.61
CA ARG A 105 36.47 -37.20 -4.05
C ARG A 105 37.68 -37.25 -4.98
N VAL A 106 38.85 -37.45 -4.39
CA VAL A 106 40.06 -37.57 -5.18
C VAL A 106 39.95 -38.93 -5.86
N LYS A 107 40.01 -38.97 -7.19
CA LYS A 107 39.89 -40.24 -7.91
C LYS A 107 40.74 -41.35 -7.29
N GLU A 108 42.05 -41.10 -7.18
CA GLU A 108 42.98 -42.09 -6.66
C GLU A 108 42.70 -42.56 -5.23
N THR A 109 42.63 -41.62 -4.30
CA THR A 109 42.42 -41.94 -2.90
C THR A 109 40.97 -42.02 -2.43
N GLN A 110 40.05 -41.54 -3.25
CA GLN A 110 38.63 -41.54 -2.92
C GLN A 110 38.33 -40.66 -1.70
N LYS A 111 39.26 -39.78 -1.38
CA LYS A 111 39.09 -38.89 -0.24
C LYS A 111 38.11 -37.75 -0.50
N LEU A 112 37.15 -37.56 0.40
CA LEU A 112 36.19 -36.48 0.26
C LEU A 112 36.99 -35.20 0.45
N VAL A 113 36.80 -34.24 -0.44
CA VAL A 113 37.56 -33.01 -0.35
C VAL A 113 36.69 -31.75 -0.55
N ALA A 114 35.43 -31.96 -0.90
CA ALA A 114 34.47 -30.88 -1.09
C ALA A 114 33.09 -31.45 -0.79
N PHE A 115 32.14 -30.57 -0.53
CA PHE A 115 30.78 -31.01 -0.23
C PHE A 115 29.84 -29.80 -0.24
N ILE A 116 28.60 -30.07 -0.65
CA ILE A 116 27.56 -29.05 -0.70
C ILE A 116 26.26 -29.81 -0.84
N SER A 117 25.19 -29.30 -0.22
CA SER A 117 23.91 -29.98 -0.31
C SER A 117 22.75 -29.03 -0.53
N ALA A 118 21.68 -29.56 -1.10
CA ALA A 118 20.48 -28.80 -1.37
C ALA A 118 19.31 -29.63 -0.87
N ILE A 119 18.29 -28.95 -0.37
CA ILE A 119 17.07 -29.60 0.09
C ILE A 119 15.94 -28.77 -0.50
N PRO A 120 14.91 -29.45 -1.04
CA PRO A 120 13.80 -28.74 -1.64
C PRO A 120 12.90 -28.14 -0.56
N VAL A 121 12.40 -26.95 -0.83
CA VAL A 121 11.51 -26.26 0.09
C VAL A 121 10.68 -25.29 -0.74
N THR A 122 9.60 -24.80 -0.14
CA THR A 122 8.78 -23.82 -0.81
C THR A 122 9.06 -22.54 0.00
N LEU A 123 9.53 -21.50 -0.68
CA LEU A 123 9.83 -20.25 -0.02
C LEU A 123 8.68 -19.30 -0.23
N GLY A 124 8.36 -18.53 0.81
CA GLY A 124 7.31 -17.54 0.69
C GLY A 124 8.06 -16.22 0.69
N VAL A 125 8.00 -15.48 -0.40
CA VAL A 125 8.68 -14.19 -0.48
C VAL A 125 7.60 -13.15 -0.68
N ARG A 126 7.34 -12.37 0.37
CA ARG A 126 6.29 -11.35 0.33
C ARG A 126 5.03 -11.95 -0.28
N GLY A 127 4.57 -13.06 0.28
CA GLY A 127 3.37 -13.71 -0.21
C GLY A 127 3.54 -14.58 -1.44
N LYS A 128 4.61 -14.35 -2.21
CA LYS A 128 4.86 -15.15 -3.40
C LYS A 128 5.33 -16.54 -3.01
N GLN A 129 4.74 -17.55 -3.64
CA GLN A 129 5.08 -18.93 -3.39
C GLN A 129 6.20 -19.28 -4.40
N VAL A 130 7.39 -19.61 -3.91
CA VAL A 130 8.49 -19.92 -4.83
C VAL A 130 9.14 -21.28 -4.60
N PRO A 131 8.85 -22.27 -5.46
CA PRO A 131 9.48 -23.58 -5.27
C PRO A 131 10.98 -23.35 -5.35
N SER A 132 11.70 -23.75 -4.31
CA SER A 132 13.13 -23.50 -4.27
C SER A 132 13.90 -24.63 -3.64
N VAL A 133 15.09 -24.28 -3.17
CA VAL A 133 15.98 -25.21 -2.51
C VAL A 133 16.78 -24.36 -1.52
N GLU A 134 17.27 -25.00 -0.47
CA GLU A 134 18.11 -24.31 0.50
C GLU A 134 19.47 -24.97 0.37
N ILE A 135 20.50 -24.17 0.16
CA ILE A 135 21.83 -24.71 0.03
C ILE A 135 22.52 -24.54 1.38
N ASN A 136 23.23 -25.57 1.82
CA ASN A 136 23.93 -25.46 3.09
C ASN A 136 25.06 -26.47 3.18
N PHE A 137 25.92 -26.27 4.18
CA PHE A 137 27.03 -27.16 4.44
C PHE A 137 28.11 -27.21 3.35
N LEU A 138 28.25 -26.10 2.63
CA LEU A 138 29.27 -26.00 1.60
C LEU A 138 30.60 -26.05 2.31
N CYS A 139 31.51 -26.89 1.82
CA CYS A 139 32.81 -27.01 2.45
C CYS A 139 33.85 -27.57 1.51
N VAL A 140 34.97 -26.86 1.41
CA VAL A 140 36.08 -27.30 0.57
C VAL A 140 37.26 -27.51 1.50
N HIS A 141 37.96 -28.61 1.30
CA HIS A 141 39.11 -28.93 2.13
C HIS A 141 40.14 -27.82 2.13
N LYS A 142 40.72 -27.56 3.31
CA LYS A 142 41.74 -26.53 3.48
C LYS A 142 42.87 -26.61 2.44
N GLN A 143 43.21 -27.82 2.01
CA GLN A 143 44.29 -28.01 1.03
C GLN A 143 43.86 -27.69 -0.39
N LEU A 144 42.58 -27.36 -0.56
CA LEU A 144 42.06 -27.04 -1.88
C LEU A 144 41.45 -25.65 -1.92
N ARG A 145 41.88 -24.80 -0.99
CA ARG A 145 41.39 -23.44 -0.89
C ARG A 145 41.97 -22.51 -1.94
N SER A 146 41.24 -21.43 -2.22
CA SER A 146 41.66 -20.43 -3.19
C SER A 146 42.03 -21.04 -4.54
N LYS A 147 41.33 -22.10 -4.93
CA LYS A 147 41.59 -22.75 -6.20
C LYS A 147 40.35 -22.60 -7.09
N ARG A 148 39.34 -21.91 -6.56
CA ARG A 148 38.09 -21.65 -7.25
C ARG A 148 37.27 -22.90 -7.56
N LEU A 149 37.25 -23.81 -6.61
CA LEU A 149 36.49 -25.04 -6.75
C LEU A 149 35.03 -24.78 -6.40
N THR A 150 34.83 -23.83 -5.51
CA THR A 150 33.49 -23.48 -5.05
C THR A 150 32.52 -23.16 -6.16
N PRO A 151 32.93 -22.31 -7.12
CA PRO A 151 32.03 -21.97 -8.21
C PRO A 151 31.55 -23.20 -8.98
N VAL A 152 32.40 -24.21 -9.08
CA VAL A 152 32.04 -25.43 -9.78
C VAL A 152 31.01 -26.20 -8.96
N LEU A 153 31.20 -26.21 -7.64
CA LEU A 153 30.25 -26.90 -6.77
C LEU A 153 28.90 -26.24 -6.96
N ILE A 154 28.90 -24.91 -6.88
CA ILE A 154 27.68 -24.13 -7.04
C ILE A 154 27.01 -24.37 -8.39
N LYS A 155 27.78 -24.38 -9.46
CA LYS A 155 27.22 -24.59 -10.77
C LYS A 155 26.70 -26.02 -10.98
N GLU A 156 27.37 -27.00 -10.37
CA GLU A 156 26.94 -28.39 -10.50
C GLU A 156 25.65 -28.63 -9.71
N ILE A 157 25.52 -27.97 -8.56
CA ILE A 157 24.31 -28.15 -7.77
C ILE A 157 23.16 -27.41 -8.47
N THR A 158 23.47 -26.26 -9.06
CA THR A 158 22.46 -25.49 -9.78
C THR A 158 21.90 -26.31 -10.94
N ARG A 159 22.76 -27.12 -11.55
CA ARG A 159 22.37 -27.97 -12.69
C ARG A 159 21.43 -29.10 -12.27
N ARG A 160 21.81 -29.82 -11.20
CA ARG A 160 21.01 -30.94 -10.72
C ARG A 160 19.63 -30.52 -10.25
N VAL A 161 19.54 -29.33 -9.68
CA VAL A 161 18.28 -28.81 -9.19
C VAL A 161 17.46 -28.31 -10.39
N ASN A 162 18.13 -27.69 -11.36
CA ASN A 162 17.44 -27.21 -12.55
C ASN A 162 16.84 -28.36 -13.34
N LYS A 163 17.58 -29.46 -13.45
CA LYS A 163 17.10 -30.61 -14.18
C LYS A 163 15.82 -31.15 -13.53
N CYS A 164 15.56 -30.73 -12.30
CA CYS A 164 14.36 -31.15 -11.58
C CYS A 164 13.33 -30.03 -11.61
N ASP A 165 13.52 -29.10 -12.54
CA ASP A 165 12.62 -27.98 -12.73
C ASP A 165 12.47 -27.02 -11.55
N ILE A 166 13.53 -26.87 -10.75
CA ILE A 166 13.51 -25.94 -9.61
C ILE A 166 14.52 -24.85 -9.99
N TRP A 167 14.11 -23.59 -9.94
CA TRP A 167 15.00 -22.51 -10.38
C TRP A 167 15.45 -21.44 -9.41
N HIS A 168 15.14 -21.62 -8.12
CA HIS A 168 15.54 -20.60 -7.14
C HIS A 168 16.13 -21.20 -5.88
N ALA A 169 16.77 -20.37 -5.08
CA ALA A 169 17.33 -20.87 -3.85
C ALA A 169 17.64 -19.77 -2.83
N LEU A 170 17.67 -20.18 -1.58
CA LEU A 170 17.97 -19.30 -0.47
C LEU A 170 19.28 -19.84 0.13
N TYR A 171 20.21 -18.94 0.40
CA TYR A 171 21.48 -19.30 0.98
C TYR A 171 21.93 -18.14 1.84
N THR A 172 22.70 -18.44 2.87
CA THR A 172 23.21 -17.42 3.77
C THR A 172 24.72 -17.51 3.82
N ALA A 173 25.37 -16.40 4.18
CA ALA A 173 26.82 -16.40 4.26
C ALA A 173 27.26 -15.20 5.07
N GLY A 174 28.34 -15.37 5.84
CA GLY A 174 28.85 -14.27 6.64
C GLY A 174 29.55 -13.24 5.78
N ILE A 175 30.08 -13.70 4.66
CA ILE A 175 30.78 -12.80 3.75
C ILE A 175 29.77 -12.08 2.86
N VAL A 176 30.15 -10.89 2.42
CA VAL A 176 29.28 -10.06 1.60
C VAL A 176 29.40 -10.39 0.12
N LEU A 177 28.30 -10.86 -0.46
CA LEU A 177 28.23 -11.22 -1.86
C LEU A 177 27.14 -10.36 -2.51
N PRO A 178 27.10 -10.33 -3.85
CA PRO A 178 26.10 -9.53 -4.58
C PRO A 178 24.68 -9.45 -4.03
N ALA A 179 24.37 -8.25 -3.55
CA ALA A 179 23.08 -7.87 -3.01
C ALA A 179 22.36 -8.81 -2.05
N PRO A 180 22.69 -8.72 -0.76
CA PRO A 180 21.99 -9.60 0.18
C PRO A 180 20.59 -9.01 0.35
N VAL A 181 19.57 -9.84 0.50
CA VAL A 181 18.22 -9.32 0.68
C VAL A 181 18.02 -8.90 2.13
N SER A 182 18.95 -9.30 2.99
CA SER A 182 18.90 -8.93 4.39
C SER A 182 20.17 -9.35 5.15
N THR A 183 20.39 -8.72 6.29
CA THR A 183 21.55 -9.02 7.12
C THR A 183 21.09 -9.04 8.58
N CYS A 184 21.57 -10.02 9.33
CA CYS A 184 21.24 -10.15 10.74
C CYS A 184 22.52 -10.30 11.55
N ARG A 185 22.45 -9.98 12.83
CA ARG A 185 23.61 -10.10 13.68
C ARG A 185 23.42 -11.29 14.60
N TYR A 186 24.53 -11.94 14.95
CA TYR A 186 24.50 -13.07 15.88
C TYR A 186 24.60 -12.51 17.29
N THR A 187 23.97 -13.20 18.24
CA THR A 187 24.03 -12.82 19.65
C THR A 187 24.25 -14.14 20.41
N HIS A 188 24.84 -14.04 21.60
CA HIS A 188 25.12 -15.24 22.40
C HIS A 188 24.72 -15.06 23.86
N ARG A 189 23.89 -15.97 24.35
CA ARG A 189 23.45 -15.94 25.73
C ARG A 189 24.25 -16.97 26.51
N PRO A 190 25.13 -16.51 27.40
CA PRO A 190 25.98 -17.39 28.22
C PRO A 190 25.10 -18.19 29.18
N LEU A 191 25.19 -19.51 29.09
CA LEU A 191 24.41 -20.38 29.97
C LEU A 191 25.36 -20.94 31.02
N ASN A 192 26.57 -21.23 30.60
CA ASN A 192 27.60 -21.75 31.48
C ASN A 192 28.78 -20.77 31.38
N TRP A 193 28.66 -19.60 32.01
CA TRP A 193 29.72 -18.61 31.92
C TRP A 193 31.10 -19.10 32.26
N LYS A 194 31.27 -19.62 33.47
CA LYS A 194 32.58 -20.10 33.91
C LYS A 194 33.30 -20.93 32.86
N LYS A 195 32.60 -21.89 32.26
CA LYS A 195 33.21 -22.74 31.23
C LYS A 195 33.50 -21.98 29.93
N LEU A 196 32.60 -21.10 29.53
CA LEU A 196 32.82 -20.32 28.31
C LEU A 196 34.11 -19.51 28.46
N TYR A 197 34.30 -18.94 29.64
CA TYR A 197 35.46 -18.13 29.91
C TYR A 197 36.74 -18.98 29.88
N GLU A 198 36.73 -20.12 30.56
CA GLU A 198 37.89 -20.99 30.60
C GLU A 198 38.29 -21.57 29.24
N VAL A 199 37.33 -21.70 28.31
CA VAL A 199 37.64 -22.22 26.97
C VAL A 199 37.76 -21.04 26.03
N ASP A 200 37.92 -19.87 26.63
CA ASP A 200 38.08 -18.61 25.92
C ASP A 200 37.01 -18.22 24.90
N PHE A 201 35.74 -18.45 25.23
CA PHE A 201 34.66 -18.06 24.33
C PHE A 201 34.00 -16.75 24.72
N THR A 202 34.29 -16.28 25.93
CA THR A 202 33.77 -14.99 26.42
C THR A 202 34.87 -14.34 27.24
N GLY A 203 34.80 -13.02 27.40
CA GLY A 203 35.81 -12.32 28.17
C GLY A 203 35.38 -11.97 29.58
N LEU A 204 36.24 -11.24 30.28
CA LEU A 204 35.99 -10.78 31.63
C LEU A 204 36.28 -9.29 31.60
N PRO A 205 35.24 -8.47 31.35
CA PRO A 205 35.40 -7.00 31.30
C PRO A 205 36.15 -6.41 32.49
N ASP A 206 36.96 -5.39 32.22
CA ASP A 206 37.72 -4.74 33.28
C ASP A 206 36.76 -4.26 34.36
N GLY A 207 37.12 -4.44 35.62
CA GLY A 207 36.26 -4.01 36.69
C GLY A 207 35.35 -5.10 37.22
N HIS A 208 35.25 -6.20 36.48
CA HIS A 208 34.40 -7.31 36.90
C HIS A 208 35.17 -8.53 37.40
N THR A 209 34.62 -9.19 38.40
CA THR A 209 35.22 -10.40 38.93
C THR A 209 34.50 -11.56 38.25
N GLU A 210 35.10 -12.74 38.27
CA GLU A 210 34.47 -13.90 37.66
C GLU A 210 33.18 -14.20 38.38
N GLU A 211 33.07 -13.70 39.61
CA GLU A 211 31.88 -13.91 40.42
C GLU A 211 30.73 -13.03 39.95
N ASP A 212 31.05 -11.81 39.50
CA ASP A 212 30.02 -10.89 39.01
C ASP A 212 29.29 -11.56 37.87
N MET A 213 30.09 -12.00 36.90
CA MET A 213 29.64 -12.64 35.69
C MET A 213 28.79 -13.89 35.91
N ILE A 214 29.28 -14.78 36.75
CA ILE A 214 28.57 -16.01 37.05
C ILE A 214 27.19 -15.71 37.64
N ALA A 215 27.13 -14.81 38.61
CA ALA A 215 25.86 -14.45 39.24
C ALA A 215 24.95 -13.75 38.22
N GLU A 216 25.56 -12.87 37.43
CA GLU A 216 24.85 -12.10 36.42
C GLU A 216 24.17 -13.02 35.41
N ASN A 217 24.85 -14.10 35.05
CA ASN A 217 24.32 -15.04 34.07
C ASN A 217 23.65 -16.27 34.64
N ALA A 218 23.64 -16.38 35.98
CA ALA A 218 23.00 -17.49 36.67
C ALA A 218 21.54 -17.58 36.25
N LEU A 219 21.06 -18.80 36.09
CA LEU A 219 19.69 -19.07 35.64
C LEU A 219 18.92 -19.98 36.58
N PRO A 220 17.58 -19.86 36.59
CA PRO A 220 16.78 -20.71 37.48
C PRO A 220 16.91 -22.15 36.95
N ALA A 221 16.62 -23.11 37.80
CA ALA A 221 16.70 -24.51 37.42
C ALA A 221 15.45 -25.04 36.70
N LYS A 222 14.29 -24.47 37.02
CA LYS A 222 13.04 -24.93 36.41
C LYS A 222 12.34 -23.85 35.57
N THR A 223 11.57 -24.27 34.57
CA THR A 223 10.86 -23.32 33.72
C THR A 223 9.73 -22.64 34.49
N LYS A 224 9.18 -21.56 33.94
CA LYS A 224 8.12 -20.84 34.64
C LYS A 224 6.77 -20.74 33.94
N THR A 225 6.75 -20.97 32.63
CA THR A 225 5.49 -20.88 31.90
C THR A 225 4.59 -22.08 32.14
N ALA A 226 3.39 -21.81 32.64
CA ALA A 226 2.41 -22.85 32.93
C ALA A 226 1.91 -23.48 31.65
N GLY A 227 1.80 -24.81 31.65
CA GLY A 227 1.32 -25.53 30.47
C GLY A 227 2.42 -25.91 29.50
N LEU A 228 3.63 -25.44 29.77
CA LEU A 228 4.79 -25.71 28.91
C LEU A 228 5.24 -27.17 29.00
N ARG A 229 5.33 -27.85 27.85
CA ARG A 229 5.76 -29.24 27.83
C ARG A 229 6.40 -29.53 26.47
N LYS A 230 6.89 -30.76 26.29
CA LYS A 230 7.50 -31.14 25.02
C LYS A 230 6.46 -31.31 23.93
N LEU A 231 6.86 -31.06 22.69
CA LEU A 231 5.97 -31.20 21.54
C LEU A 231 5.75 -32.69 21.28
N LYS A 232 4.53 -33.06 20.90
CA LYS A 232 4.20 -34.46 20.61
C LYS A 232 3.44 -34.49 19.30
N LYS A 233 3.45 -35.64 18.64
CA LYS A 233 2.76 -35.80 17.36
C LYS A 233 1.28 -35.41 17.46
N GLU A 234 0.67 -35.71 18.61
CA GLU A 234 -0.72 -35.37 18.84
C GLU A 234 -0.96 -33.87 18.67
N ASP A 235 0.07 -33.07 18.95
CA ASP A 235 0.01 -31.62 18.87
C ASP A 235 0.18 -31.02 17.47
N ILE A 236 0.77 -31.79 16.57
CA ILE A 236 1.04 -31.30 15.21
C ILE A 236 0.00 -30.43 14.49
N ASP A 237 -1.26 -30.90 14.39
CA ASP A 237 -2.25 -30.09 13.69
C ASP A 237 -2.37 -28.69 14.28
N GLN A 238 -2.54 -28.57 15.60
CA GLN A 238 -2.65 -27.25 16.23
C GLN A 238 -1.39 -26.41 16.11
N VAL A 239 -0.25 -26.99 16.49
CA VAL A 239 1.01 -26.24 16.45
C VAL A 239 1.31 -25.74 15.06
N PHE A 240 1.06 -26.59 14.07
CA PHE A 240 1.32 -26.24 12.68
C PHE A 240 0.54 -25.02 12.22
N GLU A 241 -0.73 -24.96 12.59
CA GLU A 241 -1.57 -23.84 12.19
C GLU A 241 -1.16 -22.59 12.97
N LEU A 242 -0.84 -22.77 14.25
CA LEU A 242 -0.40 -21.65 15.08
C LEU A 242 0.89 -21.08 14.48
N PHE A 243 1.79 -21.96 14.09
CA PHE A 243 3.07 -21.56 13.51
C PHE A 243 2.88 -20.78 12.21
N LYS A 244 2.15 -21.39 11.27
CA LYS A 244 1.87 -20.76 9.98
C LYS A 244 1.24 -19.39 10.16
N ARG A 245 0.32 -19.30 11.10
CA ARG A 245 -0.38 -18.06 11.37
C ARG A 245 0.60 -16.99 11.83
N TYR A 246 1.39 -17.32 12.84
CA TYR A 246 2.37 -16.38 13.37
C TYR A 246 3.37 -15.94 12.29
N GLN A 247 3.95 -16.94 11.59
CA GLN A 247 4.92 -16.76 10.50
C GLN A 247 4.51 -15.86 9.36
N SER A 248 3.20 -15.84 9.08
CA SER A 248 2.67 -15.05 7.98
C SER A 248 3.01 -13.59 8.08
N ARG A 249 3.47 -13.14 9.24
CA ARG A 249 3.82 -11.73 9.42
C ARG A 249 5.15 -11.39 8.74
N PHE A 250 6.02 -12.39 8.62
CA PHE A 250 7.34 -12.18 8.01
C PHE A 250 7.26 -12.15 6.48
N GLU A 251 8.27 -11.56 5.84
CA GLU A 251 8.29 -11.47 4.38
C GLU A 251 9.08 -12.58 3.70
N LEU A 252 9.97 -13.22 4.45
CA LEU A 252 10.79 -14.33 3.93
C LEU A 252 10.63 -15.53 4.85
N ILE A 253 9.96 -16.57 4.38
CA ILE A 253 9.72 -17.75 5.19
C ILE A 253 9.76 -19.03 4.36
N GLN A 254 9.84 -20.17 5.05
CA GLN A 254 9.80 -21.46 4.38
C GLN A 254 8.37 -21.89 4.65
N ILE A 255 7.66 -22.26 3.60
CA ILE A 255 6.28 -22.70 3.74
C ILE A 255 6.27 -24.20 3.91
N PHE A 256 6.27 -24.64 5.15
CA PHE A 256 6.29 -26.07 5.47
C PHE A 256 4.99 -26.75 5.09
N THR A 257 5.05 -28.07 4.99
CA THR A 257 3.88 -28.90 4.75
C THR A 257 3.82 -29.53 6.13
N LYS A 258 2.69 -30.10 6.52
CA LYS A 258 2.63 -30.70 7.85
C LYS A 258 3.69 -31.77 8.00
N GLU A 259 3.96 -32.48 6.92
CA GLU A 259 4.96 -33.54 6.93
C GLU A 259 6.34 -32.98 7.23
N GLU A 260 6.75 -31.97 6.46
CA GLU A 260 8.05 -31.35 6.68
C GLU A 260 8.12 -30.81 8.09
N PHE A 261 7.05 -30.13 8.51
CA PHE A 261 7.00 -29.56 9.85
C PHE A 261 7.23 -30.60 10.92
N GLU A 262 6.53 -31.72 10.81
CA GLU A 262 6.68 -32.77 11.80
C GLU A 262 8.07 -33.39 11.80
N HIS A 263 8.62 -33.63 10.62
CA HIS A 263 9.96 -34.19 10.55
C HIS A 263 10.98 -33.23 11.17
N ASN A 264 10.77 -31.95 10.94
CA ASN A 264 11.69 -30.93 11.42
C ASN A 264 11.63 -30.62 12.91
N PHE A 265 10.47 -30.84 13.54
CA PHE A 265 10.36 -30.51 14.95
C PHE A 265 10.27 -31.64 15.95
N ILE A 266 10.02 -32.86 15.48
CA ILE A 266 9.99 -34.00 16.37
C ILE A 266 11.14 -34.89 15.90
N GLY A 267 12.23 -34.87 16.65
CA GLY A 267 13.40 -35.64 16.29
C GLY A 267 13.26 -37.14 16.36
N GLU A 268 14.37 -37.81 16.06
CA GLU A 268 14.45 -39.27 16.08
C GLU A 268 14.20 -39.74 17.51
N GLU A 269 13.32 -40.71 17.66
CA GLU A 269 13.02 -41.25 18.98
C GLU A 269 14.17 -42.14 19.42
N SER A 270 14.37 -42.24 20.74
CA SER A 270 15.43 -43.08 21.29
C SER A 270 16.84 -42.51 21.24
N LEU A 271 16.97 -41.18 21.27
CA LEU A 271 18.29 -40.57 21.26
C LEU A 271 18.67 -40.06 22.65
N PRO A 272 19.85 -40.45 23.14
CA PRO A 272 20.30 -40.00 24.48
C PRO A 272 20.25 -38.47 24.56
N LEU A 273 20.32 -37.94 25.78
CA LEU A 273 20.29 -36.51 25.95
C LEU A 273 21.43 -35.84 25.21
N ASP A 274 22.63 -36.40 25.37
CA ASP A 274 23.85 -35.87 24.76
C ASP A 274 23.95 -36.04 23.24
N LYS A 275 22.92 -36.61 22.62
CA LYS A 275 22.92 -36.80 21.17
C LYS A 275 21.69 -36.17 20.49
N GLN A 276 20.69 -35.83 21.28
CA GLN A 276 19.46 -35.22 20.76
C GLN A 276 19.77 -33.95 19.97
N VAL A 277 19.15 -33.81 18.81
CA VAL A 277 19.37 -32.65 17.96
C VAL A 277 18.32 -31.54 18.06
N ILE A 278 17.06 -31.86 17.80
CA ILE A 278 15.99 -30.87 17.86
C ILE A 278 15.23 -30.96 19.19
N PHE A 279 14.96 -29.79 19.78
CA PHE A 279 14.25 -29.69 21.06
C PHE A 279 13.04 -28.75 20.88
N SER A 280 11.85 -29.32 20.74
CA SER A 280 10.65 -28.50 20.55
C SER A 280 9.68 -28.57 21.72
N TYR A 281 9.15 -27.40 22.10
CA TYR A 281 8.22 -27.28 23.22
C TYR A 281 6.95 -26.55 22.84
N VAL A 282 5.91 -26.82 23.61
CA VAL A 282 4.61 -26.24 23.38
C VAL A 282 4.01 -25.84 24.73
N VAL A 283 3.05 -24.92 24.69
CA VAL A 283 2.34 -24.51 25.90
C VAL A 283 0.88 -24.85 25.63
N GLU A 284 0.30 -25.68 26.49
CA GLU A 284 -1.10 -26.09 26.36
C GLU A 284 -1.96 -25.57 27.52
N GLN A 285 -3.06 -24.92 27.19
CA GLN A 285 -3.98 -24.38 28.20
C GLN A 285 -4.97 -25.44 28.67
N PRO A 286 -5.54 -25.28 29.87
CA PRO A 286 -6.48 -26.25 30.41
C PRO A 286 -7.57 -26.74 29.43
N ASP A 287 -7.91 -25.94 28.42
CA ASP A 287 -8.93 -26.33 27.45
C ASP A 287 -8.35 -27.08 26.25
N GLY A 288 -7.10 -27.51 26.38
CA GLY A 288 -6.43 -28.24 25.31
C GLY A 288 -5.83 -27.38 24.22
N LYS A 289 -6.05 -26.07 24.30
CA LYS A 289 -5.51 -25.17 23.30
C LYS A 289 -4.01 -24.93 23.40
N ILE A 290 -3.34 -24.99 22.25
CA ILE A 290 -1.91 -24.76 22.20
C ILE A 290 -1.72 -23.30 21.77
N THR A 291 -1.16 -22.52 22.67
CA THR A 291 -0.95 -21.10 22.44
C THR A 291 0.49 -20.66 22.22
N ASP A 292 1.46 -21.54 22.48
CA ASP A 292 2.86 -21.20 22.31
C ASP A 292 3.69 -22.36 21.77
N PHE A 293 4.80 -22.03 21.13
CA PHE A 293 5.67 -23.03 20.55
C PHE A 293 7.04 -22.44 20.33
N PHE A 294 8.07 -23.18 20.71
CA PHE A 294 9.43 -22.72 20.49
C PHE A 294 10.36 -23.90 20.41
N SER A 295 11.45 -23.73 19.67
CA SER A 295 12.41 -24.81 19.52
C SER A 295 13.83 -24.29 19.40
N PHE A 296 14.78 -25.19 19.62
CA PHE A 296 16.18 -24.86 19.48
C PHE A 296 16.87 -26.16 19.12
N TYR A 297 18.02 -26.07 18.45
CA TYR A 297 18.74 -27.27 18.07
C TYR A 297 20.14 -27.23 18.62
N SER A 298 20.75 -28.41 18.75
CA SER A 298 22.09 -28.55 19.29
C SER A 298 23.13 -28.86 18.20
N LEU A 299 24.27 -28.16 18.25
CA LEU A 299 25.39 -28.35 17.33
C LEU A 299 26.65 -28.04 18.16
N PRO A 300 27.22 -29.06 18.81
CA PRO A 300 28.40 -28.85 19.63
C PRO A 300 29.71 -28.59 18.87
N PHE A 301 30.68 -28.08 19.62
CA PHE A 301 32.03 -27.82 19.12
C PHE A 301 32.92 -28.77 19.91
N THR A 302 34.04 -29.17 19.31
CA THR A 302 35.00 -30.01 20.02
C THR A 302 36.03 -29.02 20.51
N ILE A 303 36.45 -29.13 21.77
CA ILE A 303 37.45 -28.23 22.32
C ILE A 303 38.83 -28.87 22.22
N LEU A 304 39.84 -28.08 21.91
CA LEU A 304 41.20 -28.60 21.75
C LEU A 304 42.18 -27.99 22.75
N ASN A 305 43.21 -28.75 23.07
CA ASN A 305 44.28 -28.32 23.98
C ASN A 305 43.84 -27.88 25.38
N ASN A 306 42.73 -28.41 25.88
CA ASN A 306 42.29 -28.05 27.22
C ASN A 306 42.19 -29.29 28.08
N THR A 307 42.85 -29.23 29.23
CA THR A 307 42.90 -30.32 30.20
C THR A 307 41.57 -30.56 30.91
N LYS A 308 40.76 -29.51 31.03
CA LYS A 308 39.49 -29.63 31.73
C LYS A 308 38.27 -29.93 30.86
N TYR A 309 38.24 -29.37 29.66
CA TYR A 309 37.09 -29.60 28.77
C TYR A 309 37.53 -30.03 27.37
N LYS A 310 36.70 -30.81 26.70
CA LYS A 310 37.02 -31.23 25.34
C LYS A 310 35.82 -31.07 24.42
N ASP A 311 34.73 -30.54 24.96
CA ASP A 311 33.49 -30.32 24.21
C ASP A 311 32.75 -29.11 24.76
N LEU A 312 32.06 -28.40 23.88
CA LEU A 312 31.30 -27.22 24.25
C LEU A 312 29.89 -27.32 23.69
N GLY A 313 28.88 -27.27 24.57
CA GLY A 313 27.50 -27.36 24.16
C GLY A 313 27.00 -26.06 23.58
N ILE A 314 26.41 -26.13 22.40
CA ILE A 314 25.91 -24.92 21.75
C ILE A 314 24.48 -25.12 21.27
N GLY A 315 23.57 -24.36 21.86
CA GLY A 315 22.17 -24.45 21.48
C GLY A 315 21.87 -23.28 20.58
N TYR A 316 21.06 -23.51 19.54
CA TYR A 316 20.69 -22.47 18.58
C TYR A 316 19.18 -22.22 18.61
N LEU A 317 18.75 -21.03 19.03
CA LEU A 317 17.33 -20.72 19.05
C LEU A 317 16.84 -20.91 17.61
N TYR A 318 15.73 -21.60 17.46
CA TYR A 318 15.24 -21.91 16.12
C TYR A 318 13.87 -21.28 15.80
N TYR A 319 12.88 -22.10 15.47
CA TYR A 319 11.55 -21.57 15.16
C TYR A 319 10.66 -21.51 16.39
N TYR A 320 9.71 -20.57 16.37
CA TYR A 320 8.77 -20.41 17.46
C TYR A 320 7.51 -19.68 16.98
N ALA A 321 6.50 -19.65 17.84
CA ALA A 321 5.24 -18.99 17.53
C ALA A 321 4.39 -18.87 18.78
N THR A 322 3.54 -17.85 18.80
CA THR A 322 2.67 -17.60 19.94
C THR A 322 1.47 -16.79 19.46
N ASP A 323 0.34 -16.88 20.17
CA ASP A 323 -0.85 -16.12 19.80
C ASP A 323 -0.98 -14.84 20.63
N ALA A 324 0.06 -14.53 21.40
CA ALA A 324 0.06 -13.35 22.27
C ALA A 324 -0.45 -12.06 21.64
N ASP A 325 -0.27 -11.87 20.34
CA ASP A 325 -0.75 -10.64 19.71
C ASP A 325 -1.81 -10.84 18.63
N PHE A 326 -2.36 -12.05 18.56
CA PHE A 326 -3.39 -12.36 17.56
C PHE A 326 -4.67 -11.55 17.78
N GLN A 327 -4.70 -10.82 18.86
CA GLN A 327 -5.87 -10.02 19.22
C GLN A 327 -5.85 -8.67 18.53
N PHE A 328 -4.66 -8.20 18.18
CA PHE A 328 -4.50 -6.90 17.52
C PHE A 328 -4.37 -7.14 16.03
N LYS A 329 -4.85 -6.20 15.23
CA LYS A 329 -4.79 -6.34 13.78
C LYS A 329 -3.39 -6.01 13.26
N ASP A 330 -2.84 -4.91 13.75
CA ASP A 330 -1.53 -4.43 13.32
C ASP A 330 -0.37 -4.87 14.21
N ARG A 331 0.51 -5.70 13.66
CA ARG A 331 1.68 -6.20 14.37
C ARG A 331 2.48 -5.11 15.07
N PHE A 332 2.59 -3.94 14.45
CA PHE A 332 3.36 -2.85 15.02
C PHE A 332 2.60 -1.91 15.94
N ASP A 333 1.35 -2.26 16.21
CA ASP A 333 0.52 -1.50 17.11
C ASP A 333 1.30 -1.62 18.42
N PRO A 334 1.60 -0.49 19.09
CA PRO A 334 2.35 -0.56 20.35
C PRO A 334 1.77 -1.49 21.41
N LYS A 335 0.47 -1.78 21.34
CA LYS A 335 -0.15 -2.69 22.28
C LYS A 335 0.17 -4.13 21.93
N ALA A 336 0.13 -4.42 20.63
CA ALA A 336 0.43 -5.76 20.16
C ALA A 336 1.88 -6.06 20.51
N THR A 337 2.75 -5.08 20.29
CA THR A 337 4.17 -5.22 20.59
C THR A 337 4.40 -5.52 22.08
N LYS A 338 3.76 -4.77 22.97
CA LYS A 338 3.94 -4.99 24.40
C LYS A 338 3.48 -6.39 24.82
N ALA A 339 2.31 -6.80 24.34
CA ALA A 339 1.81 -8.13 24.67
C ALA A 339 2.76 -9.22 24.17
N LEU A 340 3.25 -9.08 22.94
CA LEU A 340 4.17 -10.06 22.33
C LEU A 340 5.52 -10.10 23.06
N LYS A 341 6.05 -8.93 23.39
CA LYS A 341 7.33 -8.85 24.07
C LYS A 341 7.32 -9.56 25.42
N THR A 342 6.24 -9.35 26.18
CA THR A 342 6.12 -9.98 27.50
C THR A 342 6.05 -11.50 27.37
N ARG A 343 5.36 -12.00 26.35
CA ARG A 343 5.26 -13.45 26.18
C ARG A 343 6.57 -14.07 25.70
N LEU A 344 7.20 -13.44 24.72
CA LEU A 344 8.46 -13.95 24.17
C LEU A 344 9.54 -13.94 25.25
N CYS A 345 9.61 -12.87 26.03
CA CYS A 345 10.59 -12.82 27.09
C CYS A 345 10.37 -13.99 28.05
N GLU A 346 9.11 -14.37 28.26
CA GLU A 346 8.76 -15.49 29.14
C GLU A 346 9.17 -16.82 28.51
N LEU A 347 8.68 -17.07 27.31
CA LEU A 347 8.99 -18.30 26.60
C LEU A 347 10.48 -18.52 26.35
N ILE A 348 11.17 -17.49 25.88
CA ILE A 348 12.58 -17.65 25.58
C ILE A 348 13.45 -17.74 26.84
N TYR A 349 12.94 -17.23 27.96
CA TYR A 349 13.67 -17.31 29.22
C TYR A 349 13.64 -18.79 29.65
N ASP A 350 12.50 -19.44 29.42
CA ASP A 350 12.36 -20.86 29.72
C ASP A 350 13.19 -21.66 28.72
N ALA A 351 13.31 -21.15 27.50
CA ALA A 351 14.10 -21.83 26.47
C ALA A 351 15.56 -21.87 26.94
N CYS A 352 16.04 -20.78 27.54
CA CYS A 352 17.41 -20.75 28.03
C CYS A 352 17.58 -21.73 29.18
N ILE A 353 16.53 -21.86 29.98
CA ILE A 353 16.53 -22.77 31.11
C ILE A 353 16.56 -24.21 30.60
N LEU A 354 15.76 -24.48 29.57
CA LEU A 354 15.73 -25.82 29.01
C LEU A 354 17.04 -26.16 28.28
N ALA A 355 17.62 -25.19 27.59
CA ALA A 355 18.88 -25.42 26.87
C ALA A 355 20.02 -25.65 27.86
N LYS A 356 20.03 -24.86 28.94
CA LYS A 356 21.08 -25.04 29.93
C LYS A 356 20.94 -26.39 30.61
N ASN A 357 19.70 -26.76 30.96
CA ASN A 357 19.45 -28.04 31.61
C ASN A 357 19.77 -29.18 30.64
N ALA A 358 19.79 -28.88 29.35
CA ALA A 358 20.13 -29.91 28.37
C ALA A 358 21.63 -29.89 28.13
N ASN A 359 22.35 -29.17 28.99
CA ASN A 359 23.79 -29.07 28.92
C ASN A 359 24.34 -28.22 27.77
N MET A 360 23.59 -27.21 27.35
CA MET A 360 24.07 -26.29 26.32
C MET A 360 24.88 -25.30 27.17
N ASP A 361 26.02 -24.85 26.65
CA ASP A 361 26.88 -23.92 27.40
C ASP A 361 26.67 -22.47 27.05
N VAL A 362 26.14 -22.22 25.86
CA VAL A 362 25.87 -20.88 25.37
C VAL A 362 24.67 -21.03 24.44
N PHE A 363 23.85 -20.00 24.33
CA PHE A 363 22.64 -20.06 23.51
C PHE A 363 22.77 -19.02 22.38
N ASN A 364 22.64 -19.47 21.14
CA ASN A 364 22.80 -18.59 19.99
C ASN A 364 21.50 -18.15 19.36
N ALA A 365 21.44 -16.89 18.96
CA ALA A 365 20.23 -16.39 18.33
C ALA A 365 20.58 -15.20 17.46
N LEU A 366 19.88 -15.10 16.34
CA LEU A 366 20.06 -14.02 15.40
C LEU A 366 19.03 -12.95 15.72
N THR A 367 19.16 -11.80 15.07
CA THR A 367 18.21 -10.70 15.26
C THR A 367 17.06 -10.82 14.26
N SER A 368 16.84 -12.02 13.74
CA SER A 368 15.76 -12.24 12.79
C SER A 368 14.43 -12.37 13.53
N GLN A 369 13.35 -12.63 12.80
CA GLN A 369 12.02 -12.81 13.40
C GLN A 369 11.69 -11.65 14.36
N ASP A 370 11.04 -11.95 15.47
CA ASP A 370 10.71 -10.92 16.46
C ASP A 370 11.71 -10.95 17.62
N ASN A 371 12.87 -11.55 17.38
CA ASN A 371 13.91 -11.70 18.38
C ASN A 371 14.38 -10.44 19.15
N THR A 372 14.46 -9.30 18.48
CA THR A 372 14.92 -8.08 19.16
C THR A 372 14.02 -7.63 20.32
N LEU A 373 12.83 -8.20 20.42
CA LEU A 373 11.94 -7.83 21.53
C LEU A 373 12.46 -8.43 22.83
N PHE A 374 13.20 -9.54 22.73
CA PHE A 374 13.74 -10.20 23.91
C PHE A 374 15.26 -10.30 24.03
N LEU A 375 15.96 -10.24 22.91
CA LEU A 375 17.42 -10.38 22.90
C LEU A 375 18.17 -9.67 24.04
N ASP A 376 18.06 -8.34 24.14
CA ASP A 376 18.79 -7.61 25.20
C ASP A 376 18.30 -7.91 26.62
N ASP A 377 17.00 -7.96 26.82
CA ASP A 377 16.45 -8.22 28.14
C ASP A 377 16.85 -9.59 28.67
N LEU A 378 17.05 -10.55 27.78
CA LEU A 378 17.40 -11.90 28.19
C LEU A 378 18.90 -12.14 28.15
N LYS A 379 19.65 -11.04 28.01
CA LYS A 379 21.10 -11.07 28.01
C LYS A 379 21.83 -11.77 26.87
N PHE A 380 21.24 -11.75 25.67
CA PHE A 380 21.93 -12.32 24.52
C PHE A 380 22.89 -11.20 24.15
N GLY A 381 24.17 -11.41 24.39
CA GLY A 381 25.15 -10.39 24.10
C GLY A 381 25.48 -10.26 22.62
N PRO A 382 25.83 -9.05 22.16
CA PRO A 382 26.17 -8.76 20.78
C PRO A 382 27.35 -9.62 20.31
N GLY A 383 27.15 -10.39 19.25
CA GLY A 383 28.22 -11.23 18.72
C GLY A 383 29.02 -10.48 17.68
N ASP A 384 30.16 -11.01 17.29
CA ASP A 384 31.00 -10.34 16.28
C ASP A 384 30.65 -10.66 14.85
N GLY A 385 29.85 -11.70 14.62
CA GLY A 385 29.50 -12.02 13.25
C GLY A 385 28.15 -11.50 12.79
N PHE A 386 27.98 -11.46 11.47
CA PHE A 386 26.73 -11.03 10.86
C PHE A 386 26.40 -12.08 9.82
N LEU A 387 25.13 -12.22 9.50
CA LEU A 387 24.72 -13.21 8.52
C LEU A 387 23.93 -12.55 7.42
N ASN A 388 24.38 -12.72 6.18
CA ASN A 388 23.70 -12.13 5.04
C ASN A 388 22.82 -13.18 4.38
N PHE A 389 21.60 -12.77 4.02
CA PHE A 389 20.63 -13.65 3.38
C PHE A 389 20.58 -13.35 1.89
N TYR A 390 20.56 -14.40 1.06
CA TYR A 390 20.55 -14.23 -0.38
C TYR A 390 19.52 -15.10 -1.08
N LEU A 391 19.13 -14.69 -2.28
CA LEU A 391 18.16 -15.42 -3.08
C LEU A 391 18.71 -15.65 -4.49
N PHE A 392 18.90 -16.91 -4.86
CA PHE A 392 19.42 -17.23 -6.19
C PHE A 392 18.34 -17.07 -7.25
N ASN A 393 18.68 -16.42 -8.35
CA ASN A 393 17.75 -16.23 -9.46
C ASN A 393 16.44 -15.57 -9.03
N TYR A 394 16.52 -14.68 -8.05
CA TYR A 394 15.32 -13.99 -7.58
C TYR A 394 15.66 -12.60 -7.08
N ARG A 395 14.96 -11.62 -7.64
CA ARG A 395 15.14 -10.23 -7.33
C ARG A 395 14.06 -9.79 -6.34
N ALA A 396 14.47 -9.38 -5.15
CA ALA A 396 13.51 -8.95 -4.15
C ALA A 396 13.99 -7.70 -3.39
N LYS A 397 13.03 -6.85 -3.01
CA LYS A 397 13.36 -5.64 -2.27
C LYS A 397 13.99 -6.01 -0.94
N PRO A 398 14.74 -5.07 -0.33
CA PRO A 398 15.38 -5.34 0.96
C PRO A 398 14.39 -5.65 2.10
N ILE A 399 14.75 -6.63 2.93
CA ILE A 399 13.91 -7.06 4.05
C ILE A 399 14.63 -6.78 5.37
N THR A 400 13.97 -6.07 6.28
CA THR A 400 14.56 -5.73 7.57
C THR A 400 15.23 -6.90 8.27
N GLY A 401 16.42 -6.64 8.80
CA GLY A 401 17.17 -7.68 9.48
C GLY A 401 17.19 -7.55 10.99
N GLY A 402 16.51 -6.54 11.52
CA GLY A 402 16.49 -6.33 12.96
C GLY A 402 17.68 -5.57 13.50
N LEU A 403 18.35 -4.82 12.64
CA LEU A 403 19.52 -4.05 13.04
C LEU A 403 19.37 -2.58 12.72
N ASN A 404 19.96 -1.75 13.57
CA ASN A 404 19.97 -0.31 13.38
C ASN A 404 21.24 -0.09 12.56
N PRO A 405 21.40 1.10 11.96
CA PRO A 405 22.59 1.35 11.17
C PRO A 405 23.91 1.15 11.92
N ASP A 406 23.88 1.36 13.24
CA ASP A 406 25.07 1.19 14.05
C ASP A 406 25.26 -0.24 14.52
N ASN A 407 24.46 -1.14 13.97
CA ASN A 407 24.53 -2.56 14.32
C ASN A 407 23.87 -2.96 15.62
N SER A 408 23.19 -2.03 16.29
CA SER A 408 22.50 -2.39 17.54
C SER A 408 21.15 -2.98 17.14
N ASN A 409 20.48 -3.66 18.07
CA ASN A 409 19.18 -4.28 17.76
C ASN A 409 18.06 -3.27 17.52
N ASP A 410 17.34 -3.41 16.40
CA ASP A 410 16.24 -2.49 16.14
C ASP A 410 15.01 -3.08 16.80
N ILE A 411 14.74 -2.65 18.03
CA ILE A 411 13.60 -3.16 18.77
C ILE A 411 12.22 -2.69 18.33
N LYS A 412 12.14 -1.67 17.48
CA LYS A 412 10.82 -1.20 17.08
C LYS A 412 10.30 -1.79 15.77
N ARG A 413 11.18 -2.11 14.83
CA ARG A 413 10.76 -2.70 13.57
C ARG A 413 11.04 -4.21 13.60
N ARG A 414 12.00 -4.60 14.43
CA ARG A 414 12.38 -6.01 14.54
C ARG A 414 12.80 -6.52 13.14
N SER A 415 12.36 -7.70 12.75
CA SER A 415 12.76 -8.22 11.45
C SER A 415 11.65 -8.89 10.68
N ASN A 416 11.81 -8.88 9.37
CA ASN A 416 10.85 -9.49 8.48
C ASN A 416 11.40 -10.77 7.91
N VAL A 417 12.56 -11.16 8.43
CA VAL A 417 13.19 -12.42 8.02
C VAL A 417 12.59 -13.47 8.95
N GLY A 418 11.80 -14.37 8.39
CA GLY A 418 11.16 -15.40 9.20
C GLY A 418 11.82 -16.76 9.13
N VAL A 419 12.65 -16.96 8.12
CA VAL A 419 13.32 -18.23 7.97
C VAL A 419 14.56 -18.29 8.87
N VAL A 420 14.90 -19.49 9.32
CA VAL A 420 16.08 -19.69 10.16
C VAL A 420 16.87 -20.78 9.46
N MET A 421 18.03 -20.41 8.94
CA MET A 421 18.88 -21.36 8.23
C MET A 421 19.87 -22.00 9.19
N LEU A 422 20.30 -23.18 8.87
CA LEU A 422 21.29 -23.87 9.71
C LEU A 422 22.78 -23.41 9.58
N ALA B 1 -5.74 39.44 -23.01
CA ALA B 1 -6.18 38.31 -23.89
C ALA B 1 -7.59 38.51 -24.42
N MET B 2 -7.71 38.88 -25.70
CA MET B 2 -9.01 39.12 -26.32
C MET B 2 -9.10 38.48 -27.69
N LYS B 3 -7.96 38.40 -28.36
CA LYS B 3 -7.81 37.80 -29.69
C LYS B 3 -6.37 37.34 -29.69
N ASP B 4 -5.78 37.37 -28.50
CA ASP B 4 -4.42 36.95 -28.26
C ASP B 4 -4.50 35.47 -27.93
N HIS B 5 -5.65 34.90 -28.31
CA HIS B 5 -5.98 33.50 -28.11
C HIS B 5 -5.91 32.78 -29.45
N LYS B 6 -4.77 32.17 -29.75
CA LYS B 6 -4.60 31.48 -31.03
C LYS B 6 -5.67 30.43 -31.30
N PHE B 7 -6.11 29.73 -30.26
CA PHE B 7 -7.13 28.71 -30.45
C PHE B 7 -8.56 29.25 -30.40
N TRP B 8 -8.95 29.78 -29.25
CA TRP B 8 -10.30 30.30 -29.08
C TRP B 8 -10.77 31.32 -30.11
N ARG B 9 -9.84 32.11 -30.64
CA ARG B 9 -10.18 33.11 -31.65
C ARG B 9 -10.78 32.40 -32.88
N THR B 10 -10.48 31.13 -33.06
CA THR B 10 -11.00 30.38 -34.22
C THR B 10 -12.33 29.68 -33.92
N GLN B 11 -12.75 29.68 -32.66
CA GLN B 11 -13.96 28.98 -32.25
C GLN B 11 -15.26 29.77 -32.22
N PRO B 12 -16.39 29.05 -32.30
CA PRO B 12 -17.71 29.70 -32.28
C PRO B 12 -18.08 30.00 -30.83
N VAL B 13 -17.56 31.10 -30.31
CA VAL B 13 -17.82 31.52 -28.96
C VAL B 13 -18.11 33.00 -28.95
N LYS B 14 -18.83 33.44 -27.93
CA LYS B 14 -19.17 34.83 -27.77
C LYS B 14 -17.89 35.63 -27.58
N ASP B 15 -17.87 36.87 -28.08
CA ASP B 15 -16.69 37.72 -27.96
C ASP B 15 -16.83 38.53 -26.68
N PHE B 16 -15.71 39.07 -26.19
CA PHE B 16 -15.73 39.89 -24.99
C PHE B 16 -16.52 41.16 -25.22
N ASP B 17 -17.37 41.51 -24.25
CA ASP B 17 -18.18 42.72 -24.32
C ASP B 17 -19.11 42.74 -25.52
N GLU B 18 -19.35 41.57 -26.10
CA GLU B 18 -20.25 41.47 -27.24
C GLU B 18 -21.65 41.79 -26.77
N LYS B 19 -22.31 42.71 -27.46
CA LYS B 19 -23.67 43.08 -27.09
C LYS B 19 -24.60 42.16 -27.87
N VAL B 20 -25.14 41.16 -27.18
CA VAL B 20 -26.04 40.19 -27.80
C VAL B 20 -27.49 40.69 -27.83
N VAL B 21 -28.06 40.77 -29.03
CA VAL B 21 -29.45 41.23 -29.17
C VAL B 21 -30.38 40.05 -29.41
N GLU B 22 -29.88 39.04 -30.12
CA GLU B 22 -30.65 37.84 -30.42
C GLU B 22 -29.81 36.64 -29.97
N GLU B 23 -30.31 35.89 -29.00
CA GLU B 23 -29.59 34.72 -28.49
C GLU B 23 -29.76 33.53 -29.43
N GLY B 24 -28.78 32.64 -29.46
CA GLY B 24 -28.86 31.47 -30.32
C GLY B 24 -27.51 30.89 -30.73
N PRO B 25 -27.49 29.95 -31.67
CA PRO B 25 -26.27 29.31 -32.15
C PRO B 25 -25.40 30.35 -32.85
N ILE B 26 -24.09 30.12 -32.90
CA ILE B 26 -23.20 31.06 -33.54
C ILE B 26 -22.81 30.56 -34.93
N ASP B 27 -22.46 29.28 -35.00
CA ASP B 27 -22.11 28.65 -36.27
C ASP B 27 -23.36 28.40 -37.09
N LYS B 28 -23.22 28.46 -38.40
CA LYS B 28 -24.34 28.21 -39.30
C LYS B 28 -24.78 26.77 -39.12
N PRO B 29 -26.07 26.48 -39.41
CA PRO B 29 -26.59 25.12 -39.26
C PRO B 29 -25.68 24.09 -39.92
N LYS B 30 -25.64 22.88 -39.36
CA LYS B 30 -24.82 21.81 -39.89
C LYS B 30 -25.44 20.46 -39.56
N THR B 31 -24.94 19.41 -40.20
CA THR B 31 -25.46 18.07 -39.97
C THR B 31 -24.30 17.12 -39.71
N PRO B 32 -24.60 15.91 -39.20
CA PRO B 32 -23.54 14.95 -38.92
C PRO B 32 -22.70 14.65 -40.15
N GLU B 33 -23.33 14.64 -41.32
CA GLU B 33 -22.60 14.37 -42.55
C GLU B 33 -21.46 15.37 -42.72
N ASP B 34 -21.71 16.63 -42.40
CA ASP B 34 -20.72 17.69 -42.52
C ASP B 34 -19.51 17.43 -41.61
N ILE B 35 -19.60 16.41 -40.77
CA ILE B 35 -18.53 16.10 -39.84
C ILE B 35 -17.75 14.85 -40.15
N SER B 36 -16.42 14.95 -40.09
CA SER B 36 -15.54 13.83 -40.35
C SER B 36 -15.84 12.67 -39.41
N ASP B 37 -15.48 11.46 -39.83
CA ASP B 37 -15.69 10.25 -39.04
C ASP B 37 -14.35 9.75 -38.53
N LYS B 38 -13.29 10.49 -38.86
CA LYS B 38 -11.96 10.09 -38.44
C LYS B 38 -11.45 10.98 -37.31
N PRO B 39 -11.04 10.38 -36.19
CA PRO B 39 -10.54 11.17 -35.06
C PRO B 39 -9.30 11.99 -35.47
N LEU B 40 -9.23 13.23 -35.01
CA LEU B 40 -8.12 14.12 -35.32
C LEU B 40 -6.71 13.52 -35.14
N PRO B 41 -5.71 14.04 -35.86
CA PRO B 41 -4.33 13.56 -35.77
C PRO B 41 -3.65 14.01 -34.48
N LEU B 42 -2.84 13.11 -33.92
CA LEU B 42 -2.12 13.35 -32.68
C LEU B 42 -0.63 13.12 -32.88
N LEU B 43 0.14 13.38 -31.82
CA LEU B 43 1.57 13.16 -31.83
C LEU B 43 1.75 11.69 -32.25
N SER B 44 2.72 11.44 -33.12
CA SER B 44 2.99 10.09 -33.64
C SER B 44 3.10 9.00 -32.57
N SER B 45 3.60 9.37 -31.39
CA SER B 45 3.76 8.42 -30.30
C SER B 45 2.52 8.32 -29.39
N PHE B 46 1.49 9.09 -29.70
CA PHE B 46 0.26 9.09 -28.90
C PHE B 46 -0.90 8.49 -29.68
N GLU B 47 -1.95 8.12 -28.96
CA GLU B 47 -3.14 7.59 -29.59
C GLU B 47 -4.38 7.88 -28.77
N TRP B 48 -5.50 8.04 -29.44
CA TRP B 48 -6.76 8.28 -28.77
C TRP B 48 -7.18 7.00 -28.08
N CYS B 49 -8.10 7.14 -27.12
CA CYS B 49 -8.63 5.99 -26.39
C CYS B 49 -9.92 6.43 -25.72
N SER B 50 -10.79 5.47 -25.47
CA SER B 50 -12.06 5.76 -24.82
C SER B 50 -11.90 5.17 -23.43
N ILE B 51 -12.66 5.68 -22.48
CA ILE B 51 -12.59 5.16 -21.12
C ILE B 51 -13.90 4.48 -20.80
N ASP B 52 -13.82 3.21 -20.43
CA ASP B 52 -15.03 2.47 -20.07
C ASP B 52 -15.09 2.54 -18.55
N VAL B 53 -15.96 3.40 -18.04
CA VAL B 53 -16.12 3.59 -16.60
C VAL B 53 -16.38 2.27 -15.89
N ASP B 54 -17.10 1.37 -16.55
CA ASP B 54 -17.41 0.05 -15.98
C ASP B 54 -16.18 -0.83 -15.96
N ASN B 55 -15.14 -0.42 -16.68
CA ASN B 55 -13.89 -1.17 -16.74
C ASN B 55 -13.02 -0.62 -15.62
N LYS B 56 -12.80 -1.43 -14.58
CA LYS B 56 -12.02 -0.98 -13.43
C LYS B 56 -10.63 -0.45 -13.76
N LYS B 57 -9.97 -1.07 -14.74
CA LYS B 57 -8.63 -0.67 -15.12
C LYS B 57 -8.61 0.75 -15.67
N GLN B 58 -9.35 0.96 -16.75
CA GLN B 58 -9.42 2.26 -17.41
C GLN B 58 -9.87 3.41 -16.51
N LEU B 59 -10.88 3.17 -15.68
CA LEU B 59 -11.36 4.21 -14.78
C LEU B 59 -10.26 4.60 -13.80
N GLU B 60 -9.51 3.61 -13.33
CA GLU B 60 -8.44 3.90 -12.38
C GLU B 60 -7.39 4.81 -13.01
N ASP B 61 -7.01 4.53 -14.25
CA ASP B 61 -6.01 5.37 -14.92
C ASP B 61 -6.47 6.82 -14.90
N VAL B 62 -7.77 7.03 -15.12
CA VAL B 62 -8.31 8.38 -15.14
C VAL B 62 -8.18 9.12 -13.80
N PHE B 63 -8.55 8.47 -12.70
CA PHE B 63 -8.43 9.19 -11.44
C PHE B 63 -6.99 9.27 -10.92
N VAL B 64 -6.10 8.43 -11.46
CA VAL B 64 -4.69 8.48 -11.05
C VAL B 64 -4.11 9.72 -11.73
N LEU B 65 -4.37 9.84 -13.03
CA LEU B 65 -3.90 10.98 -13.81
C LEU B 65 -4.39 12.26 -13.18
N LEU B 66 -5.70 12.33 -12.94
CA LEU B 66 -6.31 13.52 -12.38
C LEU B 66 -5.77 13.87 -10.99
N ASN B 67 -5.60 12.87 -10.12
CA ASN B 67 -5.10 13.13 -8.78
C ASN B 67 -3.69 13.68 -8.78
N GLU B 68 -2.86 13.13 -9.63
CA GLU B 68 -1.48 13.59 -9.73
C GLU B 68 -1.30 14.96 -10.37
N ASN B 69 -2.14 15.30 -11.35
CA ASN B 69 -1.96 16.58 -12.02
C ASN B 69 -3.11 17.59 -12.02
N TYR B 70 -4.20 17.32 -11.31
CA TYR B 70 -5.31 18.26 -11.35
C TYR B 70 -5.07 19.61 -10.69
N VAL B 71 -4.02 19.72 -9.88
CA VAL B 71 -3.71 21.00 -9.24
C VAL B 71 -2.67 21.69 -10.10
N GLU B 72 -2.98 22.90 -10.57
CA GLU B 72 -2.05 23.65 -11.43
C GLU B 72 -0.76 23.98 -10.70
N ASP B 73 -0.09 22.94 -10.23
CA ASP B 73 1.16 23.05 -9.50
C ASP B 73 1.13 24.22 -8.53
N ARG B 74 -0.06 24.59 -8.08
CA ARG B 74 -0.22 25.69 -7.13
C ARG B 74 0.79 25.45 -6.01
N ASP B 75 1.27 24.20 -5.98
CA ASP B 75 2.25 23.70 -5.03
C ASP B 75 1.98 24.00 -3.57
N ALA B 76 0.92 23.38 -3.07
CA ALA B 76 0.54 23.52 -1.69
C ALA B 76 0.51 22.08 -1.20
N GLY B 77 0.16 21.88 0.06
CA GLY B 77 0.12 20.54 0.58
C GLY B 77 -1.21 19.87 0.30
N PHE B 78 -1.66 19.89 -0.95
CA PHE B 78 -2.93 19.26 -1.29
C PHE B 78 -3.07 18.89 -2.77
N ARG B 79 -3.84 17.84 -3.02
CA ARG B 79 -4.09 17.37 -4.37
C ARG B 79 -5.49 16.76 -4.32
N PHE B 80 -6.18 16.73 -5.44
CA PHE B 80 -7.52 16.15 -5.46
C PHE B 80 -7.43 14.67 -5.13
N ASN B 81 -8.55 14.10 -4.67
CA ASN B 81 -8.59 12.68 -4.38
C ASN B 81 -9.81 12.05 -5.05
N TYR B 82 -9.82 12.03 -6.37
CA TYR B 82 -10.92 11.43 -7.12
C TYR B 82 -10.86 9.92 -6.88
N THR B 83 -12.03 9.32 -6.70
CA THR B 83 -12.11 7.88 -6.46
C THR B 83 -13.02 7.22 -7.47
N LYS B 84 -13.00 5.89 -7.49
CA LYS B 84 -13.86 5.15 -8.40
C LYS B 84 -15.32 5.51 -8.14
N GLU B 85 -15.69 5.61 -6.86
CA GLU B 85 -17.08 5.96 -6.50
C GLU B 85 -17.47 7.31 -7.07
N PHE B 86 -16.57 8.30 -6.97
CA PHE B 86 -16.88 9.62 -7.49
C PHE B 86 -17.15 9.59 -8.99
N PHE B 87 -16.29 8.94 -9.76
CA PHE B 87 -16.49 8.88 -11.20
C PHE B 87 -17.61 7.95 -11.63
N ASN B 88 -17.86 6.92 -10.83
CA ASN B 88 -18.93 5.99 -11.13
C ASN B 88 -20.23 6.79 -11.16
N TRP B 89 -20.34 7.74 -10.23
CA TRP B 89 -21.50 8.61 -10.12
C TRP B 89 -21.49 9.70 -11.19
N ALA B 90 -20.43 10.50 -11.16
CA ALA B 90 -20.25 11.62 -12.08
C ALA B 90 -20.26 11.29 -13.57
N LEU B 91 -19.51 10.28 -13.99
CA LEU B 91 -19.40 9.95 -15.42
C LEU B 91 -20.45 9.03 -16.01
N LYS B 92 -21.40 8.54 -15.20
CA LYS B 92 -22.39 7.64 -15.73
C LYS B 92 -23.82 8.13 -15.75
N SER B 93 -24.01 9.44 -15.87
CA SER B 93 -25.37 9.97 -15.92
C SER B 93 -26.08 9.36 -17.15
N PRO B 94 -27.42 9.43 -17.19
CA PRO B 94 -28.20 8.88 -18.32
C PRO B 94 -27.78 9.36 -19.70
N GLY B 95 -27.40 8.40 -20.56
CA GLY B 95 -27.02 8.74 -21.91
C GLY B 95 -25.51 8.83 -22.10
N TRP B 96 -24.74 8.52 -21.06
CA TRP B 96 -23.29 8.59 -21.20
C TRP B 96 -22.84 7.56 -22.23
N LYS B 97 -21.61 7.75 -22.72
CA LYS B 97 -21.04 6.83 -23.70
C LYS B 97 -19.53 6.92 -23.62
N LYS B 98 -18.89 5.75 -23.56
CA LYS B 98 -17.44 5.67 -23.45
C LYS B 98 -16.70 6.47 -24.51
N ASP B 99 -17.31 6.60 -25.70
CA ASP B 99 -16.69 7.37 -26.78
C ASP B 99 -16.58 8.85 -26.45
N TRP B 100 -17.24 9.28 -25.38
CA TRP B 100 -17.18 10.67 -24.98
C TRP B 100 -16.29 10.89 -23.75
N HIS B 101 -15.77 9.79 -23.22
CA HIS B 101 -14.85 9.87 -22.10
C HIS B 101 -13.53 9.58 -22.80
N ILE B 102 -12.98 10.65 -23.37
CA ILE B 102 -11.75 10.60 -24.15
C ILE B 102 -10.45 10.80 -23.39
N GLY B 103 -9.43 10.06 -23.81
CA GLY B 103 -8.13 10.18 -23.18
C GLY B 103 -7.05 10.03 -24.25
N VAL B 104 -5.81 10.28 -23.86
CA VAL B 104 -4.68 10.14 -24.77
C VAL B 104 -3.66 9.26 -24.08
N ARG B 105 -3.29 8.16 -24.72
CA ARG B 105 -2.33 7.24 -24.17
C ARG B 105 -1.08 7.19 -25.03
N VAL B 106 0.05 6.90 -24.39
CA VAL B 106 1.31 6.77 -25.11
C VAL B 106 1.29 5.38 -25.72
N LYS B 107 1.25 5.30 -27.04
CA LYS B 107 1.21 4.01 -27.74
C LYS B 107 2.04 2.92 -27.06
N GLU B 108 3.32 3.19 -26.83
CA GLU B 108 4.23 2.22 -26.22
C GLU B 108 3.84 1.75 -24.82
N THR B 109 3.77 2.68 -23.88
CA THR B 109 3.44 2.38 -22.49
C THR B 109 1.95 2.31 -22.18
N GLN B 110 1.13 2.84 -23.09
CA GLN B 110 -0.32 2.88 -22.89
C GLN B 110 -0.71 3.80 -21.74
N LYS B 111 0.28 4.47 -21.16
CA LYS B 111 0.02 5.39 -20.04
C LYS B 111 -0.93 6.51 -20.41
N LEU B 112 -1.99 6.68 -19.63
CA LEU B 112 -2.96 7.73 -19.89
C LEU B 112 -2.23 9.05 -19.61
N VAL B 113 -2.26 9.96 -20.58
CA VAL B 113 -1.56 11.22 -20.41
C VAL B 113 -2.46 12.45 -20.55
N ALA B 114 -3.71 12.24 -20.94
CA ALA B 114 -4.67 13.34 -21.11
C ALA B 114 -6.10 12.81 -21.01
N PHE B 115 -7.03 13.69 -20.63
CA PHE B 115 -8.43 13.29 -20.49
C PHE B 115 -9.34 14.51 -20.62
N ILE B 116 -10.47 14.29 -21.29
CA ILE B 116 -11.49 15.32 -21.51
C ILE B 116 -12.79 14.51 -21.53
N SER B 117 -13.84 15.02 -20.88
CA SER B 117 -15.10 14.30 -20.80
C SER B 117 -16.35 15.10 -21.16
N ALA B 118 -17.29 14.43 -21.82
CA ALA B 118 -18.53 15.05 -22.25
C ALA B 118 -19.75 14.17 -21.96
N ILE B 119 -20.80 14.76 -21.41
CA ILE B 119 -22.03 14.04 -21.11
C ILE B 119 -23.20 14.82 -21.65
N PRO B 120 -24.13 14.14 -22.33
CA PRO B 120 -25.30 14.79 -22.91
C PRO B 120 -26.29 15.34 -21.88
N VAL B 121 -26.79 16.54 -22.13
CA VAL B 121 -27.73 17.16 -21.24
C VAL B 121 -28.53 18.15 -22.06
N THR B 122 -29.66 18.56 -21.53
CA THR B 122 -30.48 19.56 -22.20
C THR B 122 -30.31 20.81 -21.35
N LEU B 123 -29.90 21.91 -21.97
CA LEU B 123 -29.73 23.15 -21.23
C LEU B 123 -30.92 24.05 -21.43
N GLY B 124 -31.18 24.88 -20.43
CA GLY B 124 -32.26 25.83 -20.52
C GLY B 124 -31.57 27.17 -20.43
N VAL B 125 -31.66 27.96 -21.50
CA VAL B 125 -31.05 29.28 -21.53
C VAL B 125 -32.17 30.32 -21.78
N ARG B 126 -32.56 30.99 -20.70
CA ARG B 126 -33.63 31.98 -20.76
C ARG B 126 -34.86 31.37 -21.42
N GLY B 127 -35.18 30.13 -21.07
CA GLY B 127 -36.36 29.49 -21.62
C GLY B 127 -36.18 28.60 -22.84
N LYS B 128 -35.15 28.86 -23.64
CA LYS B 128 -34.93 28.05 -24.83
C LYS B 128 -34.17 26.77 -24.48
N GLN B 129 -34.72 25.64 -24.90
CA GLN B 129 -34.12 24.35 -24.64
C GLN B 129 -33.01 24.12 -25.66
N VAL B 130 -31.82 23.74 -25.18
CA VAL B 130 -30.69 23.55 -26.06
C VAL B 130 -30.02 22.19 -25.85
N PRO B 131 -30.26 21.23 -26.76
CA PRO B 131 -29.63 19.91 -26.60
C PRO B 131 -28.14 20.22 -26.53
N SER B 132 -27.46 19.70 -25.51
CA SER B 132 -26.04 19.99 -25.38
C SER B 132 -25.31 18.87 -24.71
N VAL B 133 -24.11 19.22 -24.25
CA VAL B 133 -23.27 18.32 -23.52
C VAL B 133 -22.54 19.19 -22.51
N GLU B 134 -22.17 18.61 -21.39
CA GLU B 134 -21.42 19.35 -20.37
C GLU B 134 -20.04 18.78 -20.48
N ILE B 135 -19.05 19.66 -20.53
CA ILE B 135 -17.66 19.25 -20.64
C ILE B 135 -17.01 19.39 -19.27
N ASN B 136 -16.24 18.38 -18.88
CA ASN B 136 -15.60 18.45 -17.58
C ASN B 136 -14.40 17.52 -17.47
N PHE B 137 -13.64 17.71 -16.40
CA PHE B 137 -12.47 16.89 -16.11
C PHE B 137 -11.34 16.94 -17.14
N LEU B 138 -11.21 18.07 -17.82
CA LEU B 138 -10.13 18.25 -18.80
C LEU B 138 -8.84 18.23 -17.98
N CYS B 139 -7.90 17.40 -18.41
CA CYS B 139 -6.61 17.32 -17.73
C CYS B 139 -5.51 16.81 -18.65
N VAL B 140 -4.33 17.40 -18.52
CA VAL B 140 -3.15 17.01 -19.30
C VAL B 140 -2.01 16.82 -18.32
N HIS B 141 -1.26 15.73 -18.48
CA HIS B 141 -0.14 15.46 -17.58
C HIS B 141 0.72 16.71 -17.46
N LYS B 142 1.26 16.92 -16.27
CA LYS B 142 2.12 18.07 -16.00
C LYS B 142 3.34 18.14 -16.94
N GLN B 143 3.71 17.01 -17.53
CA GLN B 143 4.87 16.95 -18.42
C GLN B 143 4.55 17.23 -19.87
N LEU B 144 3.33 17.63 -20.16
CA LEU B 144 2.94 17.92 -21.52
C LEU B 144 2.22 19.25 -21.58
N ARG B 145 2.43 20.08 -20.58
CA ARG B 145 1.77 21.37 -20.54
C ARG B 145 2.52 22.47 -21.29
N SER B 146 1.76 23.42 -21.81
CA SER B 146 2.29 24.53 -22.58
C SER B 146 2.68 24.05 -23.97
N LYS B 147 2.17 22.88 -24.35
CA LYS B 147 2.44 22.31 -25.67
C LYS B 147 1.22 22.36 -26.58
N ARG B 148 0.19 23.08 -26.15
CA ARG B 148 -1.05 23.23 -26.91
C ARG B 148 -1.74 21.93 -27.38
N LEU B 149 -1.80 20.94 -26.49
CA LEU B 149 -2.46 19.67 -26.77
C LEU B 149 -3.95 19.82 -26.45
N THR B 150 -4.26 20.76 -25.56
CA THR B 150 -5.63 21.01 -25.13
C THR B 150 -6.58 21.36 -26.29
N PRO B 151 -6.16 22.27 -27.19
CA PRO B 151 -7.05 22.59 -28.31
C PRO B 151 -7.38 21.34 -29.12
N VAL B 152 -6.47 20.38 -29.10
CA VAL B 152 -6.67 19.13 -29.81
C VAL B 152 -7.77 18.34 -29.12
N LEU B 153 -7.66 18.23 -27.80
CA LEU B 153 -8.65 17.52 -27.01
C LEU B 153 -10.02 18.16 -27.25
N ILE B 154 -10.05 19.50 -27.25
CA ILE B 154 -11.28 20.25 -27.46
C ILE B 154 -11.90 20.04 -28.84
N LYS B 155 -11.11 20.15 -29.91
CA LYS B 155 -11.62 19.96 -31.26
C LYS B 155 -12.07 18.52 -31.51
N GLU B 156 -11.39 17.56 -30.88
CA GLU B 156 -11.75 16.16 -31.04
C GLU B 156 -13.05 15.81 -30.33
N ILE B 157 -13.24 16.29 -29.11
CA ILE B 157 -14.49 15.98 -28.41
C ILE B 157 -15.62 16.70 -29.15
N THR B 158 -15.32 17.91 -29.63
CA THR B 158 -16.30 18.68 -30.37
C THR B 158 -16.72 17.89 -31.61
N ARG B 159 -15.76 17.17 -32.19
CA ARG B 159 -16.03 16.38 -33.38
C ARG B 159 -16.96 15.19 -33.11
N ARG B 160 -16.66 14.43 -32.07
CA ARG B 160 -17.49 13.28 -31.75
C ARG B 160 -18.89 13.71 -31.34
N VAL B 161 -19.00 14.88 -30.71
CA VAL B 161 -20.32 15.36 -30.29
C VAL B 161 -21.11 15.85 -31.49
N ASN B 162 -20.50 16.69 -32.33
CA ASN B 162 -21.16 17.20 -33.53
C ASN B 162 -21.60 15.99 -34.37
N LYS B 163 -20.77 14.95 -34.32
CA LYS B 163 -21.02 13.73 -35.06
C LYS B 163 -22.32 13.05 -34.63
N CYS B 164 -22.72 13.28 -33.38
CA CYS B 164 -23.95 12.70 -32.85
C CYS B 164 -25.06 13.73 -32.90
N ASP B 165 -24.85 14.73 -33.73
CA ASP B 165 -25.83 15.78 -33.95
C ASP B 165 -26.04 16.76 -32.79
N ILE B 166 -25.05 16.90 -31.91
CA ILE B 166 -25.16 17.85 -30.80
C ILE B 166 -24.22 19.01 -31.11
N TRP B 167 -24.75 20.23 -31.03
CA TRP B 167 -23.95 21.38 -31.37
C TRP B 167 -23.61 22.41 -30.29
N HIS B 168 -24.00 22.17 -29.05
CA HIS B 168 -23.70 23.13 -27.99
C HIS B 168 -23.19 22.50 -26.73
N ALA B 169 -22.53 23.30 -25.89
CA ALA B 169 -22.00 22.78 -24.64
C ALA B 169 -21.87 23.85 -23.57
N LEU B 170 -21.79 23.39 -22.33
CA LEU B 170 -21.61 24.28 -21.19
C LEU B 170 -20.30 23.85 -20.58
N TYR B 171 -19.46 24.83 -20.25
CA TYR B 171 -18.21 24.52 -19.60
C TYR B 171 -17.87 25.68 -18.70
N THR B 172 -17.14 25.40 -17.63
CA THR B 172 -16.76 26.43 -16.68
C THR B 172 -15.27 26.36 -16.46
N ALA B 173 -14.67 27.51 -16.15
CA ALA B 173 -13.22 27.57 -15.92
C ALA B 173 -12.85 28.71 -14.98
N GLY B 174 -11.75 28.54 -14.25
CA GLY B 174 -11.29 29.59 -13.36
C GLY B 174 -10.63 30.69 -14.18
N ILE B 175 -10.15 30.33 -15.37
CA ILE B 175 -9.50 31.29 -16.25
C ILE B 175 -10.50 32.05 -17.11
N VAL B 176 -10.12 33.27 -17.49
CA VAL B 176 -10.94 34.12 -18.33
C VAL B 176 -10.72 33.79 -19.79
N LEU B 177 -11.79 33.43 -20.47
CA LEU B 177 -11.72 33.08 -21.87
C LEU B 177 -12.73 33.86 -22.68
N PRO B 178 -12.56 33.86 -24.01
CA PRO B 178 -13.52 34.59 -24.83
C PRO B 178 -14.94 34.39 -24.40
N ALA B 179 -15.43 35.48 -23.80
CA ALA B 179 -16.77 35.70 -23.27
C ALA B 179 -17.49 34.76 -22.32
N PRO B 180 -17.38 35.06 -21.00
CA PRO B 180 -18.05 34.24 -20.02
C PRO B 180 -19.50 34.74 -19.97
N VAL B 181 -20.44 33.82 -19.85
CA VAL B 181 -21.85 34.18 -19.78
C VAL B 181 -22.14 34.70 -18.37
N SER B 182 -21.35 34.25 -17.41
CA SER B 182 -21.51 34.66 -16.02
C SER B 182 -20.27 34.28 -15.22
N THR B 183 -20.09 34.94 -14.07
CA THR B 183 -18.96 34.68 -13.21
C THR B 183 -19.44 34.61 -11.75
N CYS B 184 -19.12 33.52 -11.08
CA CYS B 184 -19.52 33.34 -9.69
C CYS B 184 -18.28 33.20 -8.85
N ARG B 185 -18.44 33.41 -7.55
CA ARG B 185 -17.32 33.31 -6.64
C ARG B 185 -17.50 32.15 -5.67
N TYR B 186 -16.39 31.59 -5.21
CA TYR B 186 -16.40 30.51 -4.25
C TYR B 186 -16.40 31.10 -2.83
N THR B 187 -17.03 30.39 -1.91
CA THR B 187 -17.05 30.80 -0.51
C THR B 187 -16.82 29.51 0.26
N HIS B 188 -16.32 29.62 1.49
CA HIS B 188 -16.02 28.43 2.28
C HIS B 188 -16.52 28.51 3.71
N ARG B 189 -17.27 27.50 4.12
CA ARG B 189 -17.81 27.42 5.47
C ARG B 189 -16.98 26.40 6.25
N PRO B 190 -16.16 26.86 7.21
CA PRO B 190 -15.32 25.97 8.01
C PRO B 190 -16.21 25.07 8.88
N LEU B 191 -15.98 23.76 8.83
CA LEU B 191 -16.77 22.83 9.62
C LEU B 191 -15.92 22.33 10.79
N ASN B 192 -14.65 22.04 10.50
CA ASN B 192 -13.69 21.59 11.50
C ASN B 192 -12.55 22.59 11.45
N TRP B 193 -12.80 23.78 12.00
CA TRP B 193 -11.83 24.87 11.98
C TRP B 193 -10.41 24.53 12.44
N LYS B 194 -10.29 23.79 13.55
CA LYS B 194 -8.99 23.43 14.08
C LYS B 194 -8.17 22.62 13.07
N LYS B 195 -8.83 21.68 12.38
CA LYS B 195 -8.14 20.86 11.40
C LYS B 195 -7.75 21.65 10.16
N LEU B 196 -8.63 22.56 9.74
CA LEU B 196 -8.35 23.38 8.56
C LEU B 196 -7.15 24.27 8.90
N TYR B 197 -7.11 24.75 10.13
CA TYR B 197 -6.03 25.60 10.59
C TYR B 197 -4.73 24.79 10.59
N GLU B 198 -4.81 23.57 11.10
CA GLU B 198 -3.65 22.69 11.17
C GLU B 198 -3.04 22.38 9.79
N VAL B 199 -3.89 22.27 8.78
CA VAL B 199 -3.43 21.95 7.43
C VAL B 199 -3.27 23.17 6.53
N ASP B 200 -3.22 24.35 7.15
CA ASP B 200 -3.04 25.61 6.43
C ASP B 200 -4.11 25.98 5.42
N PHE B 201 -5.33 25.49 5.60
CA PHE B 201 -6.40 25.85 4.68
C PHE B 201 -7.19 27.04 5.20
N THR B 202 -6.79 27.52 6.37
CA THR B 202 -7.44 28.68 7.00
C THR B 202 -6.44 29.38 7.91
N GLY B 203 -6.52 30.69 7.97
CA GLY B 203 -5.61 31.45 8.80
C GLY B 203 -6.21 31.81 10.14
N LEU B 204 -5.53 32.70 10.87
CA LEU B 204 -5.97 33.15 12.18
C LEU B 204 -5.75 34.65 12.28
N PRO B 205 -6.84 35.44 12.26
CA PRO B 205 -6.71 36.90 12.35
C PRO B 205 -6.16 37.29 13.72
N ASP B 206 -5.11 38.10 13.73
CA ASP B 206 -4.45 38.53 14.98
C ASP B 206 -5.32 38.91 16.16
N GLY B 207 -6.54 39.37 15.91
CA GLY B 207 -7.40 39.74 17.02
C GLY B 207 -7.99 38.53 17.72
N HIS B 208 -7.87 37.36 17.09
CA HIS B 208 -8.44 36.12 17.64
C HIS B 208 -7.44 35.08 18.14
N THR B 209 -7.99 34.11 18.87
CA THR B 209 -7.23 32.99 19.40
C THR B 209 -7.89 31.77 18.76
N GLU B 210 -7.29 30.59 18.90
CA GLU B 210 -7.88 29.41 18.31
C GLU B 210 -9.23 29.18 18.97
N GLU B 211 -9.29 29.52 20.26
CA GLU B 211 -10.51 29.38 21.03
C GLU B 211 -11.66 30.18 20.40
N ASP B 212 -11.38 31.39 19.95
CA ASP B 212 -12.40 32.25 19.33
C ASP B 212 -12.94 31.61 18.07
N MET B 213 -12.01 31.21 17.21
CA MET B 213 -12.35 30.60 15.92
C MET B 213 -13.15 29.31 16.03
N ILE B 214 -12.76 28.45 16.96
CA ILE B 214 -13.46 27.19 17.15
C ILE B 214 -14.86 27.46 17.68
N ALA B 215 -14.98 28.43 18.58
CA ALA B 215 -16.26 28.77 19.17
C ALA B 215 -17.23 29.28 18.11
N GLU B 216 -16.82 30.34 17.42
CA GLU B 216 -17.64 30.95 16.39
C GLU B 216 -18.11 29.97 15.32
N ASN B 217 -17.30 28.98 14.99
CA ASN B 217 -17.63 28.03 13.93
C ASN B 217 -18.20 26.67 14.35
N ALA B 218 -18.42 26.48 15.64
CA ALA B 218 -18.99 25.22 16.12
C ALA B 218 -20.44 25.07 15.64
N LEU B 219 -20.91 23.84 15.52
CA LEU B 219 -22.26 23.55 15.07
C LEU B 219 -22.90 22.44 15.90
N PRO B 220 -24.24 22.43 15.98
CA PRO B 220 -24.95 21.40 16.75
C PRO B 220 -24.68 20.05 16.09
N ALA B 221 -24.98 18.97 16.82
CA ALA B 221 -24.77 17.61 16.32
C ALA B 221 -26.00 17.15 15.54
N LYS B 222 -27.15 17.74 15.85
CA LYS B 222 -28.39 17.35 15.17
C LYS B 222 -29.09 18.48 14.44
N THR B 223 -29.73 18.13 13.33
CA THR B 223 -30.47 19.08 12.50
C THR B 223 -31.71 19.65 13.18
N LYS B 224 -32.13 20.82 12.72
CA LYS B 224 -33.26 21.51 13.31
C LYS B 224 -34.61 21.47 12.59
N THR B 225 -34.66 21.44 11.26
CA THR B 225 -35.97 21.46 10.64
C THR B 225 -36.71 20.13 10.66
N ALA B 226 -38.01 20.22 10.97
CA ALA B 226 -38.89 19.06 11.08
C ALA B 226 -39.23 18.46 9.72
N GLY B 227 -39.23 17.14 9.65
CA GLY B 227 -39.51 16.42 8.42
C GLY B 227 -38.24 16.08 7.65
N LEU B 228 -37.13 16.72 8.02
CA LEU B 228 -35.85 16.52 7.35
C LEU B 228 -35.36 15.07 7.40
N ARG B 229 -35.19 14.46 6.23
CA ARG B 229 -34.70 13.08 6.14
C ARG B 229 -34.02 12.84 4.77
N LYS B 230 -33.45 11.66 4.59
CA LYS B 230 -32.77 11.31 3.34
C LYS B 230 -33.74 11.13 2.18
N LEU B 231 -33.28 11.45 0.99
CA LEU B 231 -34.08 11.32 -0.21
C LEU B 231 -34.30 9.83 -0.52
N LYS B 232 -35.45 9.48 -1.07
CA LYS B 232 -35.75 8.09 -1.39
C LYS B 232 -36.39 7.94 -2.77
N LYS B 233 -36.25 6.76 -3.36
CA LYS B 233 -36.80 6.51 -4.68
C LYS B 233 -38.28 6.88 -4.71
N GLU B 234 -38.96 6.63 -3.60
CA GLU B 234 -40.38 6.92 -3.50
C GLU B 234 -40.69 8.42 -3.58
N ASP B 235 -39.72 9.27 -3.25
CA ASP B 235 -39.91 10.72 -3.26
C ASP B 235 -39.71 11.39 -4.63
N ILE B 236 -39.02 10.69 -5.54
CA ILE B 236 -38.69 11.24 -6.85
C ILE B 236 -39.74 12.09 -7.55
N ASP B 237 -40.93 11.56 -7.82
CA ASP B 237 -41.92 12.37 -8.52
C ASP B 237 -42.23 13.70 -7.85
N GLN B 238 -42.37 13.70 -6.53
CA GLN B 238 -42.65 14.95 -5.81
C GLN B 238 -41.45 15.89 -5.79
N VAL B 239 -40.31 15.40 -5.29
CA VAL B 239 -39.12 16.23 -5.21
C VAL B 239 -38.71 16.79 -6.58
N PHE B 240 -38.87 15.98 -7.61
CA PHE B 240 -38.54 16.36 -8.98
C PHE B 240 -39.41 17.53 -9.41
N GLU B 241 -40.71 17.40 -9.15
CA GLU B 241 -41.66 18.44 -9.50
C GLU B 241 -41.32 19.74 -8.77
N LEU B 242 -41.03 19.62 -7.48
CA LEU B 242 -40.67 20.77 -6.65
C LEU B 242 -39.42 21.46 -7.24
N PHE B 243 -38.40 20.66 -7.55
CA PHE B 243 -37.15 21.14 -8.14
C PHE B 243 -37.36 21.93 -9.44
N LYS B 244 -38.10 21.35 -10.40
CA LYS B 244 -38.38 22.04 -11.66
C LYS B 244 -38.98 23.40 -11.38
N ARG B 245 -40.00 23.40 -10.53
CA ARG B 245 -40.72 24.61 -10.14
C ARG B 245 -39.76 25.67 -9.61
N TYR B 246 -38.97 25.28 -8.61
CA TYR B 246 -38.03 26.20 -8.00
C TYR B 246 -37.00 26.73 -8.98
N GLN B 247 -36.32 25.81 -9.66
CA GLN B 247 -35.25 26.13 -10.59
C GLN B 247 -35.68 26.85 -11.86
N SER B 248 -36.99 26.97 -12.08
CA SER B 248 -37.46 27.65 -13.28
C SER B 248 -37.24 29.16 -13.22
N ARG B 249 -36.86 29.64 -12.03
CA ARG B 249 -36.62 31.07 -11.81
C ARG B 249 -35.28 31.53 -12.42
N PHE B 250 -34.37 30.59 -12.59
CA PHE B 250 -33.05 30.90 -13.14
C PHE B 250 -33.05 30.90 -14.68
N GLU B 251 -32.10 31.63 -15.25
CA GLU B 251 -31.99 31.74 -16.70
C GLU B 251 -31.05 30.70 -17.34
N LEU B 252 -30.25 30.02 -16.53
CA LEU B 252 -29.34 29.01 -17.03
C LEU B 252 -29.48 27.78 -16.15
N ILE B 253 -30.09 26.72 -16.69
CA ILE B 253 -30.30 25.51 -15.93
C ILE B 253 -30.10 24.28 -16.79
N GLN B 254 -30.06 23.13 -16.13
CA GLN B 254 -29.98 21.88 -16.85
C GLN B 254 -31.42 21.39 -16.70
N ILE B 255 -32.10 21.12 -17.81
CA ILE B 255 -33.47 20.65 -17.74
C ILE B 255 -33.42 19.14 -17.55
N PHE B 256 -33.32 18.72 -16.30
CA PHE B 256 -33.23 17.30 -15.97
C PHE B 256 -34.42 16.52 -16.45
N THR B 257 -34.22 15.22 -16.64
CA THR B 257 -35.31 14.33 -17.02
C THR B 257 -35.45 13.62 -15.68
N LYS B 258 -36.55 12.90 -15.48
CA LYS B 258 -36.73 12.19 -14.23
C LYS B 258 -35.57 11.21 -14.08
N GLU B 259 -35.21 10.59 -15.19
CA GLU B 259 -34.12 9.62 -15.23
C GLU B 259 -32.78 10.17 -14.70
N GLU B 260 -32.38 11.35 -15.15
CA GLU B 260 -31.11 11.87 -14.65
C GLU B 260 -31.23 12.46 -13.26
N PHE B 261 -32.38 13.03 -12.95
CA PHE B 261 -32.58 13.59 -11.62
C PHE B 261 -32.32 12.50 -10.58
N GLU B 262 -32.92 11.33 -10.79
CA GLU B 262 -32.73 10.22 -9.86
C GLU B 262 -31.30 9.70 -9.77
N HIS B 263 -30.63 9.55 -10.90
CA HIS B 263 -29.26 9.08 -10.89
C HIS B 263 -28.35 10.11 -10.21
N ASN B 264 -28.69 11.38 -10.39
CA ASN B 264 -27.94 12.49 -9.84
C ASN B 264 -28.01 12.64 -8.33
N PHE B 265 -29.19 12.44 -7.77
CA PHE B 265 -29.34 12.64 -6.34
C PHE B 265 -29.43 11.43 -5.43
N ILE B 266 -29.60 10.24 -6.00
CA ILE B 266 -29.63 9.01 -5.21
C ILE B 266 -28.43 8.16 -5.64
N GLY B 267 -27.41 8.09 -4.80
CA GLY B 267 -26.20 7.36 -5.13
C GLY B 267 -26.28 5.85 -5.05
N GLU B 268 -25.13 5.20 -5.18
CA GLU B 268 -25.03 3.75 -5.12
C GLU B 268 -25.41 3.34 -3.71
N GLU B 269 -26.06 2.19 -3.58
CA GLU B 269 -26.46 1.69 -2.26
C GLU B 269 -25.34 0.80 -1.74
N SER B 270 -25.26 0.68 -0.42
CA SER B 270 -24.25 -0.14 0.23
C SER B 270 -22.89 0.54 0.37
N LEU B 271 -22.80 1.78 -0.09
CA LEU B 271 -21.54 2.51 0.00
C LEU B 271 -21.24 2.99 1.43
N PRO B 272 -20.03 2.73 1.92
CA PRO B 272 -19.63 3.13 3.26
C PRO B 272 -19.71 4.65 3.40
N LEU B 273 -20.05 5.14 4.59
CA LEU B 273 -20.16 6.57 4.83
C LEU B 273 -18.93 7.31 4.32
N ASP B 274 -17.75 6.71 4.51
CA ASP B 274 -16.48 7.29 4.09
C ASP B 274 -16.29 7.32 2.58
N LYS B 275 -17.19 6.70 1.84
CA LYS B 275 -17.08 6.68 0.40
C LYS B 275 -18.32 7.13 -0.35
N GLN B 276 -19.37 7.44 0.40
CA GLN B 276 -20.61 7.90 -0.21
C GLN B 276 -20.25 9.18 -0.97
N VAL B 277 -20.87 9.40 -2.13
CA VAL B 277 -20.56 10.59 -2.92
C VAL B 277 -21.63 11.69 -2.84
N ILE B 278 -22.87 11.34 -3.17
CA ILE B 278 -23.96 12.33 -3.15
C ILE B 278 -24.84 12.22 -1.88
N PHE B 279 -25.14 13.36 -1.29
CA PHE B 279 -25.98 13.39 -0.10
C PHE B 279 -27.18 14.30 -0.36
N SER B 280 -28.35 13.67 -0.51
CA SER B 280 -29.59 14.40 -0.79
C SER B 280 -30.58 14.22 0.34
N TYR B 281 -31.27 15.31 0.68
CA TYR B 281 -32.25 15.27 1.76
C TYR B 281 -33.51 16.01 1.37
N VAL B 282 -34.63 15.58 1.95
CA VAL B 282 -35.90 16.20 1.67
C VAL B 282 -36.58 16.55 2.99
N VAL B 283 -37.57 17.42 2.93
CA VAL B 283 -38.34 17.74 4.11
C VAL B 283 -39.72 17.19 3.77
N GLU B 284 -40.18 16.26 4.58
CA GLU B 284 -41.47 15.64 4.35
C GLU B 284 -42.43 15.97 5.49
N GLN B 285 -43.52 16.66 5.17
CA GLN B 285 -44.53 17.04 6.15
C GLN B 285 -45.30 15.78 6.55
N PRO B 286 -45.97 15.81 7.71
CA PRO B 286 -46.74 14.66 8.19
C PRO B 286 -47.80 14.13 7.22
N ASP B 287 -48.28 14.98 6.32
CA ASP B 287 -49.29 14.59 5.33
C ASP B 287 -48.65 13.90 4.11
N GLY B 288 -47.32 13.74 4.15
CA GLY B 288 -46.62 13.08 3.07
C GLY B 288 -46.09 14.04 2.01
N LYS B 289 -46.36 15.32 2.21
CA LYS B 289 -45.94 16.33 1.27
C LYS B 289 -44.48 16.76 1.44
N ILE B 290 -43.74 16.70 0.34
CA ILE B 290 -42.35 17.10 0.32
C ILE B 290 -42.31 18.58 -0.02
N THR B 291 -41.70 19.38 0.84
CA THR B 291 -41.65 20.81 0.63
C THR B 291 -40.26 21.43 0.49
N ASP B 292 -39.22 20.66 0.81
CA ASP B 292 -37.85 21.17 0.68
C ASP B 292 -36.91 20.06 0.21
N PHE B 293 -35.83 20.47 -0.45
CA PHE B 293 -34.84 19.53 -0.97
C PHE B 293 -33.51 20.25 -1.11
N PHE B 294 -32.44 19.59 -0.68
CA PHE B 294 -31.10 20.14 -0.84
C PHE B 294 -30.14 18.98 -0.89
N SER B 295 -28.98 19.22 -1.46
CA SER B 295 -27.98 18.17 -1.60
C SER B 295 -26.58 18.77 -1.60
N PHE B 296 -25.60 17.91 -1.38
CA PHE B 296 -24.21 18.31 -1.40
C PHE B 296 -23.44 17.04 -1.68
N TYR B 297 -22.35 17.16 -2.46
CA TYR B 297 -21.55 16.00 -2.80
C TYR B 297 -20.16 16.08 -2.17
N SER B 298 -19.51 14.94 -2.08
CA SER B 298 -18.17 14.84 -1.49
C SER B 298 -17.07 14.62 -2.52
N LEU B 299 -15.98 15.35 -2.34
CA LEU B 299 -14.79 15.28 -3.19
C LEU B 299 -13.65 15.76 -2.29
N PRO B 300 -13.06 14.86 -1.51
CA PRO B 300 -11.97 15.21 -0.60
C PRO B 300 -10.65 15.54 -1.27
N PHE B 301 -9.73 16.03 -0.47
CA PHE B 301 -8.39 16.36 -0.93
C PHE B 301 -7.49 15.42 -0.17
N THR B 302 -6.28 15.23 -0.68
CA THR B 302 -5.27 14.42 -0.01
C THR B 302 -4.28 15.49 0.46
N ILE B 303 -3.90 15.49 1.74
CA ILE B 303 -2.94 16.49 2.22
C ILE B 303 -1.52 15.95 2.03
N LEU B 304 -0.60 16.83 1.63
CA LEU B 304 0.78 16.44 1.37
C LEU B 304 1.73 16.65 2.55
N ASN B 305 1.53 17.72 3.29
CA ASN B 305 2.38 17.96 4.45
C ASN B 305 1.72 17.29 5.66
N ASN B 306 1.77 17.99 6.78
CA ASN B 306 1.22 17.56 8.03
C ASN B 306 1.53 16.10 8.36
N THR B 307 2.28 15.93 9.44
CA THR B 307 2.60 14.60 9.90
C THR B 307 1.29 14.09 10.48
N LYS B 308 0.46 15.03 10.94
CA LYS B 308 -0.81 14.71 11.58
C LYS B 308 -1.97 14.30 10.67
N TYR B 309 -2.21 14.99 9.57
CA TYR B 309 -3.32 14.63 8.68
C TYR B 309 -2.93 14.34 7.23
N LYS B 310 -3.54 13.31 6.65
CA LYS B 310 -3.26 12.94 5.26
C LYS B 310 -4.48 13.13 4.35
N ASP B 311 -5.63 13.49 4.92
CA ASP B 311 -6.84 13.67 4.14
C ASP B 311 -7.72 14.82 4.65
N LEU B 312 -8.40 15.51 3.74
CA LEU B 312 -9.30 16.59 4.11
C LEU B 312 -10.68 16.35 3.50
N GLY B 313 -11.71 16.36 4.34
CA GLY B 313 -13.05 16.15 3.85
C GLY B 313 -13.56 17.46 3.31
N ILE B 314 -14.20 17.42 2.15
CA ILE B 314 -14.74 18.62 1.52
C ILE B 314 -16.08 18.33 0.89
N GLY B 315 -17.10 19.08 1.31
CA GLY B 315 -18.43 18.90 0.77
C GLY B 315 -18.76 20.11 -0.08
N TYR B 316 -19.52 19.89 -1.15
CA TYR B 316 -19.90 20.96 -2.06
C TYR B 316 -21.42 21.13 -2.10
N LEU B 317 -21.92 22.26 -1.60
CA LEU B 317 -23.37 22.48 -1.66
C LEU B 317 -23.69 22.29 -3.14
N TYR B 318 -24.73 21.54 -3.42
CA TYR B 318 -25.09 21.24 -4.79
C TYR B 318 -26.43 21.84 -5.18
N TYR B 319 -27.41 21.01 -5.48
CA TYR B 319 -28.73 21.49 -5.88
C TYR B 319 -29.72 21.51 -4.71
N TYR B 320 -30.71 22.39 -4.80
CA TYR B 320 -31.71 22.46 -3.75
C TYR B 320 -32.97 23.14 -4.27
N ALA B 321 -34.04 23.06 -3.49
CA ALA B 321 -35.30 23.66 -3.88
C ALA B 321 -36.19 23.74 -2.66
N THR B 322 -37.14 24.67 -2.69
CA THR B 322 -38.05 24.86 -1.57
C THR B 322 -39.30 25.55 -2.10
N ASP B 323 -40.44 25.35 -1.45
CA ASP B 323 -41.68 25.99 -1.88
C ASP B 323 -41.84 27.25 -1.04
N ALA B 324 -40.81 27.55 -0.25
CA ALA B 324 -40.83 28.71 0.62
C ALA B 324 -41.54 29.93 0.04
N ASP B 325 -41.14 30.37 -1.14
CA ASP B 325 -41.78 31.55 -1.72
C ASP B 325 -42.78 31.29 -2.84
N PHE B 326 -43.20 30.04 -3.00
CA PHE B 326 -44.15 29.70 -4.06
C PHE B 326 -45.47 30.46 -3.96
N GLN B 327 -45.81 30.92 -2.76
CA GLN B 327 -47.03 31.66 -2.54
C GLN B 327 -47.02 32.98 -3.31
N PHE B 328 -45.85 33.56 -3.50
CA PHE B 328 -45.74 34.84 -4.21
C PHE B 328 -45.43 34.71 -5.69
N LYS B 329 -45.74 35.75 -6.45
CA LYS B 329 -45.50 35.74 -7.90
C LYS B 329 -44.13 36.30 -8.29
N ASP B 330 -43.72 37.38 -7.64
CA ASP B 330 -42.43 38.01 -7.94
C ASP B 330 -41.32 37.52 -7.01
N ARG B 331 -40.29 36.93 -7.62
CA ARG B 331 -39.16 36.40 -6.88
C ARG B 331 -38.47 37.45 -6.01
N PHE B 332 -38.32 38.66 -6.55
CA PHE B 332 -37.66 39.71 -5.80
C PHE B 332 -38.56 40.54 -4.90
N ASP B 333 -39.84 40.22 -4.87
CA ASP B 333 -40.78 40.91 -4.00
C ASP B 333 -40.22 40.76 -2.59
N PRO B 334 -40.05 41.86 -1.85
CA PRO B 334 -39.50 41.72 -0.50
C PRO B 334 -40.19 40.68 0.40
N LYS B 335 -41.48 40.45 0.19
CA LYS B 335 -42.18 39.47 1.01
C LYS B 335 -41.72 38.05 0.63
N ALA B 336 -41.42 37.85 -0.66
CA ALA B 336 -40.96 36.55 -1.14
C ALA B 336 -39.50 36.33 -0.72
N THR B 337 -38.72 37.40 -0.80
CA THR B 337 -37.31 37.35 -0.43
C THR B 337 -37.16 37.01 1.04
N LYS B 338 -38.04 37.57 1.88
CA LYS B 338 -38.00 37.32 3.31
C LYS B 338 -38.33 35.86 3.65
N ALA B 339 -39.37 35.32 3.03
CA ALA B 339 -39.75 33.93 3.30
C ALA B 339 -38.67 32.97 2.79
N LEU B 340 -38.08 33.28 1.63
CA LEU B 340 -37.05 32.42 1.08
C LEU B 340 -35.81 32.39 1.94
N LYS B 341 -35.28 33.58 2.24
CA LYS B 341 -34.08 33.69 3.06
C LYS B 341 -34.23 32.92 4.37
N THR B 342 -35.36 33.13 5.03
CA THR B 342 -35.63 32.45 6.30
C THR B 342 -35.52 30.94 6.16
N ARG B 343 -36.17 30.41 5.13
CA ARG B 343 -36.15 28.97 4.90
C ARG B 343 -34.76 28.49 4.47
N LEU B 344 -34.15 29.15 3.49
CA LEU B 344 -32.82 28.71 3.03
C LEU B 344 -31.79 28.75 4.16
N CYS B 345 -31.88 29.74 5.04
CA CYS B 345 -30.96 29.81 6.16
C CYS B 345 -31.17 28.62 7.08
N GLU B 346 -32.42 28.18 7.21
CA GLU B 346 -32.76 27.02 8.05
C GLU B 346 -32.28 25.73 7.38
N LEU B 347 -32.61 25.56 6.10
CA LEU B 347 -32.22 24.37 5.35
C LEU B 347 -30.70 24.18 5.23
N ILE B 348 -29.99 25.23 4.81
CA ILE B 348 -28.54 25.09 4.62
C ILE B 348 -27.79 24.98 5.93
N TYR B 349 -28.36 25.51 7.00
CA TYR B 349 -27.71 25.42 8.30
C TYR B 349 -27.64 23.93 8.64
N ASP B 350 -28.71 23.21 8.34
CA ASP B 350 -28.76 21.78 8.59
C ASP B 350 -27.83 21.06 7.62
N ALA B 351 -27.71 21.59 6.39
CA ALA B 351 -26.82 20.96 5.43
C ALA B 351 -25.40 20.98 6.02
N CYS B 352 -25.03 22.08 6.67
CA CYS B 352 -23.71 22.19 7.29
C CYS B 352 -23.55 21.14 8.38
N ILE B 353 -24.62 20.96 9.16
CA ILE B 353 -24.62 19.98 10.24
C ILE B 353 -24.41 18.58 9.66
N LEU B 354 -25.24 18.21 8.70
CA LEU B 354 -25.15 16.89 8.09
C LEU B 354 -23.76 16.67 7.46
N ALA B 355 -23.21 17.71 6.84
CA ALA B 355 -21.92 17.63 6.19
C ALA B 355 -20.81 17.37 7.22
N LYS B 356 -20.81 18.13 8.30
CA LYS B 356 -19.80 17.93 9.34
C LYS B 356 -19.97 16.56 9.99
N ASN B 357 -21.21 16.09 10.11
CA ASN B 357 -21.47 14.78 10.70
C ASN B 357 -21.03 13.69 9.73
N ALA B 358 -20.96 14.05 8.45
CA ALA B 358 -20.51 13.11 7.43
C ALA B 358 -18.98 13.20 7.36
N ASN B 359 -18.40 13.96 8.30
CA ASN B 359 -16.96 14.16 8.36
C ASN B 359 -16.38 15.09 7.29
N MET B 360 -17.17 16.04 6.81
CA MET B 360 -16.66 17.00 5.83
C MET B 360 -15.95 18.01 6.73
N ASP B 361 -14.82 18.55 6.30
CA ASP B 361 -14.09 19.51 7.12
C ASP B 361 -14.38 20.93 6.74
N VAL B 362 -14.90 21.11 5.54
CA VAL B 362 -15.23 22.43 5.02
C VAL B 362 -16.40 22.29 4.04
N PHE B 363 -17.24 23.31 3.98
CA PHE B 363 -18.40 23.27 3.10
C PHE B 363 -18.28 24.38 2.07
N ASN B 364 -18.27 23.98 0.81
CA ASN B 364 -18.12 24.93 -0.28
C ASN B 364 -19.41 25.27 -1.01
N ALA B 365 -19.53 26.52 -1.44
CA ALA B 365 -20.70 26.96 -2.18
C ALA B 365 -20.34 28.15 -3.04
N LEU B 366 -20.93 28.21 -4.23
CA LEU B 366 -20.71 29.32 -5.13
C LEU B 366 -21.76 30.37 -4.84
N THR B 367 -21.66 31.53 -5.49
CA THR B 367 -22.62 32.59 -5.30
C THR B 367 -23.76 32.42 -6.29
N SER B 368 -23.89 31.21 -6.82
CA SER B 368 -24.93 30.90 -7.81
C SER B 368 -26.30 30.74 -7.15
N GLN B 369 -27.32 30.55 -7.99
CA GLN B 369 -28.67 30.35 -7.48
C GLN B 369 -29.10 31.47 -6.51
N ASP B 370 -29.81 31.10 -5.44
CA ASP B 370 -30.26 32.06 -4.43
C ASP B 370 -29.29 32.07 -3.25
N ASN B 371 -28.14 31.43 -3.42
CA ASN B 371 -27.13 31.30 -2.37
C ASN B 371 -26.78 32.55 -1.56
N THR B 372 -26.60 33.68 -2.24
CA THR B 372 -26.23 34.90 -1.53
C THR B 372 -27.20 35.27 -0.39
N LEU B 373 -28.41 34.71 -0.41
CA LEU B 373 -29.35 35.02 0.66
C LEU B 373 -28.85 34.44 1.99
N PHE B 374 -28.12 33.33 1.93
CA PHE B 374 -27.64 32.70 3.16
C PHE B 374 -26.13 32.65 3.39
N LEU B 375 -25.35 32.80 2.32
CA LEU B 375 -23.89 32.73 2.42
C LEU B 375 -23.30 33.48 3.62
N ASP B 376 -23.48 34.80 3.67
CA ASP B 376 -22.92 35.57 4.78
C ASP B 376 -23.46 35.19 6.14
N ASP B 377 -24.78 35.11 6.26
CA ASP B 377 -25.40 34.76 7.53
C ASP B 377 -24.97 33.39 8.05
N LEU B 378 -24.70 32.46 7.15
CA LEU B 378 -24.30 31.11 7.54
C LEU B 378 -22.78 30.95 7.66
N LYS B 379 -22.09 32.08 7.55
CA LYS B 379 -20.64 32.14 7.67
C LYS B 379 -19.82 31.52 6.55
N PHE B 380 -20.33 31.56 5.32
CA PHE B 380 -19.57 31.04 4.20
C PHE B 380 -18.63 32.19 3.90
N GLY B 381 -17.35 32.01 4.22
CA GLY B 381 -16.40 33.08 4.02
C GLY B 381 -15.89 33.24 2.61
N PRO B 382 -15.69 34.47 2.14
CA PRO B 382 -15.19 34.69 0.77
C PRO B 382 -13.86 33.98 0.53
N GLY B 383 -13.81 33.11 -0.46
CA GLY B 383 -12.60 32.39 -0.77
C GLY B 383 -11.87 32.95 -1.99
N ASP B 384 -10.79 32.28 -2.35
CA ASP B 384 -10.00 32.71 -3.49
C ASP B 384 -10.48 32.09 -4.79
N GLY B 385 -10.43 32.86 -5.88
CA GLY B 385 -10.85 32.33 -7.16
C GLY B 385 -12.30 32.52 -7.52
N PHE B 386 -12.56 32.48 -8.82
CA PHE B 386 -13.90 32.64 -9.34
C PHE B 386 -14.11 31.58 -10.40
N LEU B 387 -15.36 31.36 -10.76
CA LEU B 387 -15.70 30.36 -11.76
C LEU B 387 -16.47 31.08 -12.85
N ASN B 388 -15.97 30.99 -14.08
CA ASN B 388 -16.64 31.62 -15.21
C ASN B 388 -17.47 30.58 -15.93
N PHE B 389 -18.58 30.98 -16.50
CA PHE B 389 -19.45 30.05 -17.22
C PHE B 389 -19.42 30.42 -18.69
N TYR B 390 -19.28 29.41 -19.54
CA TYR B 390 -19.23 29.60 -20.98
C TYR B 390 -20.15 28.66 -21.73
N LEU B 391 -20.67 29.12 -22.86
CA LEU B 391 -21.54 28.33 -23.70
C LEU B 391 -20.89 28.18 -25.07
N PHE B 392 -20.56 26.97 -25.47
CA PHE B 392 -19.95 26.75 -26.76
C PHE B 392 -21.02 26.88 -27.86
N ASN B 393 -20.68 27.58 -28.94
CA ASN B 393 -21.59 27.78 -30.07
C ASN B 393 -22.93 28.37 -29.68
N TYR B 394 -22.96 29.21 -28.66
CA TYR B 394 -24.22 29.84 -28.25
C TYR B 394 -23.94 31.23 -27.75
N ARG B 395 -24.65 32.18 -28.35
CA ARG B 395 -24.54 33.59 -28.04
C ARG B 395 -25.62 33.93 -27.01
N ALA B 396 -25.22 34.47 -25.85
CA ALA B 396 -26.20 34.82 -24.83
C ALA B 396 -25.84 36.04 -23.98
N LYS B 397 -26.84 36.83 -23.60
CA LYS B 397 -26.62 38.02 -22.79
C LYS B 397 -26.11 37.64 -21.40
N PRO B 398 -25.25 38.49 -20.79
CA PRO B 398 -24.73 38.17 -19.46
C PRO B 398 -25.80 37.81 -18.42
N ILE B 399 -25.49 36.82 -17.59
CA ILE B 399 -26.40 36.36 -16.54
C ILE B 399 -25.81 36.65 -15.17
N THR B 400 -26.59 37.27 -14.30
CA THR B 400 -26.12 37.64 -12.96
C THR B 400 -25.39 36.48 -12.27
N GLY B 401 -24.24 36.79 -11.69
CA GLY B 401 -23.45 35.77 -11.03
C GLY B 401 -23.53 35.84 -9.52
N GLY B 402 -24.34 36.79 -9.04
CA GLY B 402 -24.50 36.95 -7.60
C GLY B 402 -23.36 37.74 -6.98
N LEU B 403 -22.74 38.62 -7.77
CA LEU B 403 -21.63 39.41 -7.27
C LEU B 403 -21.77 40.88 -7.60
N ASN B 404 -21.28 41.72 -6.71
CA ASN B 404 -21.28 43.16 -6.91
C ASN B 404 -19.94 43.43 -7.60
N PRO B 405 -19.82 44.59 -8.26
CA PRO B 405 -18.54 44.86 -8.92
C PRO B 405 -17.30 44.76 -8.03
N ASP B 406 -17.47 44.96 -6.72
CA ASP B 406 -16.32 44.87 -5.82
C ASP B 406 -16.10 43.44 -5.36
N ASN B 407 -16.77 42.50 -6.02
CA ASN B 407 -16.66 41.08 -5.72
C ASN B 407 -17.35 40.65 -4.44
N SER B 408 -18.18 41.52 -3.87
CA SER B 408 -18.90 41.17 -2.66
C SER B 408 -20.22 40.50 -3.08
N ASN B 409 -20.80 39.69 -2.20
CA ASN B 409 -22.04 39.00 -2.54
C ASN B 409 -23.14 40.00 -2.83
N ASP B 410 -23.93 39.72 -3.85
CA ASP B 410 -25.03 40.62 -4.20
C ASP B 410 -26.29 40.03 -3.60
N ILE B 411 -26.57 40.39 -2.34
CA ILE B 411 -27.73 39.87 -1.65
C ILE B 411 -29.02 40.38 -2.27
N LYS B 412 -28.92 41.48 -3.01
CA LYS B 412 -30.11 42.06 -3.64
C LYS B 412 -30.63 41.28 -4.85
N ARG B 413 -29.80 41.16 -5.89
CA ARG B 413 -30.18 40.46 -7.12
C ARG B 413 -29.93 38.96 -7.08
N ARG B 414 -29.02 38.53 -6.21
CA ARG B 414 -28.65 37.11 -6.14
C ARG B 414 -28.18 36.72 -7.53
N SER B 415 -28.42 35.47 -7.93
CA SER B 415 -27.98 34.99 -9.24
C SER B 415 -29.03 34.29 -10.10
N ASN B 416 -28.87 34.41 -11.41
CA ASN B 416 -29.76 33.79 -12.37
C ASN B 416 -29.08 32.55 -12.96
N VAL B 417 -27.98 32.14 -12.34
CA VAL B 417 -27.26 30.94 -12.75
C VAL B 417 -27.81 29.79 -11.91
N GLY B 418 -28.54 28.89 -12.55
CA GLY B 418 -29.10 27.76 -11.83
C GLY B 418 -28.30 26.49 -11.84
N VAL B 419 -27.47 26.28 -12.86
CA VAL B 419 -26.68 25.05 -12.91
C VAL B 419 -25.51 25.05 -11.96
N VAL B 420 -25.20 23.87 -11.44
CA VAL B 420 -24.06 23.72 -10.55
C VAL B 420 -23.22 22.67 -11.25
N MET B 421 -22.02 23.09 -11.67
CA MET B 421 -21.11 22.21 -12.38
C MET B 421 -20.12 21.58 -11.42
N LEU B 422 -19.69 20.37 -11.75
CA LEU B 422 -18.73 19.66 -10.93
C LEU B 422 -17.26 20.21 -11.08
S1 MYA C . 27.54 -20.92 3.76
C2 MYA C . 28.69 -21.98 4.72
C3 MYA C . 30.04 -22.29 4.05
N4 MYA C . 31.04 -22.92 4.90
C5 MYA C . 31.89 -22.23 5.75
O5 MYA C . 31.86 -21.00 5.82
C6 MYA C . 32.88 -23.03 6.63
C7 MYA C . 34.14 -23.54 5.87
N8 MYA C . 34.54 -22.66 4.77
C9 MYA C . 35.02 -23.13 3.58
O9 MYA C . 35.15 -24.33 3.34
C10 MYA C . 35.39 -22.06 2.53
O10 MYA C . 36.79 -22.21 2.22
C11 MYA C . 34.46 -22.07 1.24
C12 MYA C . 35.11 -21.19 0.14
C13 MYA C . 33.11 -21.45 1.68
C14 MYA C . 34.11 -23.45 0.62
N1A MYA C . 28.76 -18.83 -0.28
O1A MYA C . 36.69 -22.26 -3.82
P1A MYA C . 37.06 -20.71 -3.75
C1X MYA C . 32.60 -17.60 -3.54
C2A MYA C . 28.75 -18.44 -1.56
O2A MYA C . 38.57 -20.47 -4.23
P2A MYA C . 37.43 -20.89 -1.07
C2M MYA C . 26.71 -22.14 2.71
O2M MYA C . 26.95 -23.34 2.77
C2X MYA C . 33.51 -16.33 -3.58
O2X MYA C . 32.84 -15.10 -3.39
N3A MYA C . 29.88 -18.14 -2.30
O3A MYA C . 36.89 -20.05 -2.30
C3M MYA C . 25.68 -21.63 1.73
C3X MYA C . 34.28 -16.54 -4.89
O3X MYA C . 33.59 -16.10 -6.04
P3X MYA C . 33.87 -14.61 -6.54
C4A MYA C . 31.00 -18.30 -1.61
O4A MYA C . 37.88 -19.77 -0.02
C4M MYA C . 26.42 -21.00 0.51
C4X MYA C . 34.42 -18.08 -4.95
O4X MYA C . 33.22 -18.63 -4.34
C5A MYA C . 31.12 -18.70 -0.28
O5A MYA C . 38.71 -21.82 -1.41
C5M MYA C . 26.51 -21.88 -0.75
C5X MYA C . 35.71 -18.58 -4.30
O5X MYA C . 36.05 -19.90 -4.73
C6A MYA C . 29.95 -18.98 0.44
N6A MYA C . 29.81 -19.39 1.74
O6A MYA C . 36.24 -21.82 -0.48
C6M MYA C . 26.34 -21.08 -2.07
N7A MYA C . 32.43 -18.72 0.03
O7A MYA C . 35.41 -14.44 -7.00
C7M MYA C . 25.20 -21.59 -2.99
C8A MYA C . 33.05 -18.34 -1.09
O8A MYA C . 33.51 -13.54 -5.40
C8M MYA C . 24.43 -20.44 -3.65
N9A MYA C . 32.24 -18.05 -2.18
O9A MYA C . 32.87 -14.36 -7.77
C9M MYA C . 23.82 -20.81 -5.01
CAM MYA C . 22.52 -21.66 -4.97
CBM MYA C . 22.62 -22.90 -5.86
CCM MYA C . 21.28 -23.58 -6.19
CDM MYA C . 20.57 -22.98 -7.40
CEM MYA C . 19.27 -23.71 -7.76
CFM MYA C . 18.22 -22.77 -8.35
S1 MYA D . -12.26 23.26 -16.62
C2 MYA D . -11.04 22.35 -15.59
C3 MYA D . -9.68 22.12 -16.26
N4 MYA D . -8.76 21.23 -15.54
C5 MYA D . -7.86 21.65 -14.58
O5 MYA D . -7.77 22.83 -14.24
C6 MYA D . -6.97 20.58 -13.92
C7 MYA D . -5.45 20.90 -14.04
N8 MYA D . -5.15 21.84 -15.10
C9 MYA D . -4.62 21.46 -16.30
O9 MYA D . -4.35 20.29 -16.58
C10 MYA D . -4.39 22.62 -17.30
O10 MYA D . -2.96 22.83 -17.42
C11 MYA D . -5.13 22.44 -18.71
C12 MYA D . -4.44 23.36 -19.76
C13 MYA D . -6.58 22.89 -18.49
C14 MYA D . -5.23 21.01 -19.32
N1A MYA D . -10.75 25.42 -20.52
O1A MYA D . -2.59 22.44 -23.69
P1A MYA D . -2.29 24.01 -23.51
C1X MYA D . -6.86 26.87 -23.61
C2A MYA D . -10.74 25.88 -21.79
O2A MYA D . -0.76 24.34 -23.83
P2A MYA D . -2.08 23.77 -20.83
C2M MYA D . -12.91 21.94 -17.65
O2M MYA D . -12.54 20.78 -17.56
C2X MYA D . -6.05 28.20 -23.55
O2X MYA D . -6.83 29.38 -23.37
N3A MYA D . -9.59 26.23 -22.49
O3A MYA D . -2.65 24.58 -22.05
C3M MYA D . -13.96 22.34 -18.68
C3X MYA D . -5.19 28.08 -24.81
O3X MYA D . -5.86 28.51 -25.99
P3X MYA D . -5.56 30.03 -26.45
C4A MYA D . -8.50 26.06 -21.77
O4A MYA D . -1.70 24.91 -19.76
C4M MYA D . -13.24 23.04 -19.88
C4X MYA D . -4.93 26.57 -24.90
O4X MYA D . -6.12 25.92 -24.40
C5A MYA D . -8.40 25.59 -20.47
O5A MYA D . -0.75 22.92 -21.12
C5M MYA D . -12.97 22.15 -21.12
C5X MYA D . -3.66 26.13 -24.15
O5X MYA D . -3.24 24.82 -24.54
C6A MYA D . -9.56 25.26 -19.79
N6A MYA D . -9.69 24.79 -18.52
O6A MYA D . -3.23 22.79 -20.27
C6M MYA D . -12.71 22.97 -22.41
N7A MYA D . -7.10 25.58 -20.13
O7A MYA D . -4.08 30.14 -27.01
C7M MYA D . -13.61 22.61 -23.62
C8A MYA D . -6.47 26.02 -21.21
O8A MYA D . -5.76 31.03 -25.23
C8M MYA D . -14.53 23.78 -24.04
N9A MYA D . -7.25 26.35 -22.29
O9A MYA D . -6.63 30.39 -27.58
C9M MYA D . -15.26 23.58 -25.38
CAM MYA D . -16.43 22.58 -25.40
CBM MYA D . -16.30 21.48 -26.48
CCM MYA D . -17.57 20.62 -26.72
CDM MYA D . -18.56 21.24 -27.73
CEM MYA D . -19.53 20.24 -28.38
CFM MYA D . -20.69 20.93 -29.11
#